data_9BT8
#
_entry.id   9BT8
#
_cell.length_a   1.00
_cell.length_b   1.00
_cell.length_c   1.00
_cell.angle_alpha   90.00
_cell.angle_beta   90.00
_cell.angle_gamma   90.00
#
_symmetry.space_group_name_H-M   'P 1'
#
loop_
_entity.id
_entity.type
_entity.pdbx_description
1 polymer 'Proto-oncogene tyrosine-protein kinase Src'
2 polymer 'Antibody fragment Fab30, heavy chain'
3 polymer 'Vasopressin V2 receptor'
4 polymer 'Nanobody 32'
5 polymer Beta-arrestin-1
6 polymer 'Antibody fragment Fab30, light chain'
#
loop_
_entity_poly.entity_id
_entity_poly.type
_entity_poly.pdbx_seq_one_letter_code
_entity_poly.pdbx_strand_id
1 'polypeptide(L)'
;MGSSHHHHHHDYDIPTTENLYFQGHMVTTFVALYDYESCTETDLSFKKGERLQIVNNTEGDWWLAHSLTTGQTGYIPSNY
VAPSDSIQAEEWYFGKITRRESERLLLNPENPRGTFLVRESETTKGAYSLSVSDFDNAKGLNVKHYKIRKLDSGGFYITS
RTQFSSLQQLVAYYSKHADGLSHRLTNVSPTSKPQTQGLAKDAWEIPRESLRLEVKLGQGSFGEVWMGTWNGTTRVAIKT
LKPGTMSPEAFLQEAQVMKKLRHEKLVQLYAVVSEEPIYIVTEYMSKGSLLDFLKGEMGKYLRLPQLVDMAAQIASGMAY
VERMNYVHRDLRAANILVGENLVSKVADFGLARLIEDNEYTARQGAKFPIKWTAPEAALYGRFTIKSDVWSFGILLTELT
TKGRVPYPGMVNREVLDQVERGYRMPCPPECPESLHDLMCQCWRKDPEERPTFEYLQAFLEDYFTSTEPQYQPGENL
;
C
2 'polypeptide(L)'
;EISEVQLVESGGGLVQPGGSLRLSCAASGFNVYSSSIHWVRQAPGKGLEWVASISSYYGYTYYADSVKGRFTISADTSKN
TAYLQMNSLRAEDTAVYYCARSRQFWYSGLDYWGQGTLVTVSSASTKGPSVFPLAPSSKSTSGGTAALGCLVKDYFPEPV
TVSWNSGALTSGVHTFPAVLQSSGLYSLSSVVTVPSSSLGTQTYICNVNHKPSNTKVDKKVEPKSCDKTHHHHHHHH
;
H
3 'polypeptide(L)' ARGR(TPO)PP(SEP)LGPQDE(SEP)C(TPO)(TPO)A(SEP)(SEP)(SEP)LAKDTSS V
4 'polypeptide(L)'
;QVQLQESGGGLVQAGGSLRLSCVVSGFFFDTVTMAWYRRAPGKHRELVASATAGGTTTYADSVKDRFTISRDNAKNTVYL
QMNSLKPEDTAVYYCNTFVRSLSWGQGTQVTVSSHHHHHHEPEA
;
A
5 'polypeptide(L)'
;GDKGTRVFKKASPNGKLTVYLGKRDFVDHIDLVDPVDGVVLVDPEYLKERRVYVTLTVAFRYGREDLDVLGLTFRKDLFV
ANVQSFPPAPEDKKPLTRLQERLIKKLGEHAYPFTFEICPNLPSSVTLQPGPEDTGKALGVDYEVKAFVAENLEEKIHKR
NSVRLVIRKVQYAPERPGPQPTAETTRQFLMSDKPLHLEASLDKEIYYHGEPISVNVHVTNNTNKTVKKIKISVRQYADI
VLFNTAQYKVPVAMEEADDTVAPSSTFSKVYTLTPFLANNREKRGLALDGKLKHEDTNLASSTLLREGANREILGIIVSY
KVKVKLVVSRGGLLGDLASSDVAVELPFTLMHPKPKEEPPHREVPESETPVDTNLIELDTNDDDIVFEDFAR
;
B
6 'polypeptide(L)'
;SDIQMTQSPSSLSASVGDRVTITCRASQSVSSAVAWYQQKPGKAPKLLIYSASSLYSGVPSRFSGSRSGTDFTLTISSLQ
PEDFATYYCQQYKYVPVTFGQGTKVEIKRTVAAPSVFIFPPSDSQLKSGTASVVCLLNNFYPREAKVQWKVDNALQSGNS
QESVTEQDSKDSTYSLSSTLTLSKADYEKHKVYACEVTHQGLSSPVTKSFNRGEC
;
L
#
# COMPACT_ATOMS: atom_id res chain seq x y z
N PHE A 30 32.84 19.70 17.99
CA PHE A 30 33.68 20.71 17.37
C PHE A 30 33.71 20.52 15.85
N VAL A 31 34.41 19.48 15.40
CA VAL A 31 34.57 19.17 13.98
C VAL A 31 33.39 18.34 13.52
N ALA A 32 32.97 18.56 12.28
CA ALA A 32 31.77 17.95 11.74
C ALA A 32 32.08 16.64 11.03
N LEU A 33 31.21 15.65 11.22
CA LEU A 33 31.25 14.40 10.47
C LEU A 33 30.16 14.41 9.41
N TYR A 34 30.47 13.84 8.25
CA TYR A 34 29.55 13.79 7.13
C TYR A 34 29.06 15.18 6.72
N ASP A 35 27.90 15.24 6.06
CA ASP A 35 27.44 16.49 5.48
C ASP A 35 25.96 16.67 5.81
N TYR A 36 25.54 17.92 6.01
CA TYR A 36 24.16 18.23 6.33
C TYR A 36 23.70 19.40 5.47
N GLU A 37 22.50 19.28 4.91
CA GLU A 37 21.84 20.35 4.17
C GLU A 37 20.48 20.60 4.77
N SER A 38 20.16 21.88 5.02
CA SER A 38 18.97 22.26 5.76
C SER A 38 17.94 22.86 4.83
N CYS A 39 16.69 22.44 4.98
CA CYS A 39 15.56 23.04 4.28
C CYS A 39 14.90 24.15 5.10
N THR A 40 15.41 24.43 6.30
CA THR A 40 14.84 25.42 7.18
C THR A 40 15.88 26.46 7.53
N GLU A 41 15.45 27.73 7.65
CA GLU A 41 16.38 28.81 7.94
C GLU A 41 16.95 28.73 9.35
N THR A 42 16.27 28.04 10.28
CA THR A 42 16.77 27.96 11.65
C THR A 42 17.93 26.99 11.79
N ASP A 43 18.12 26.09 10.82
CA ASP A 43 19.16 25.08 10.87
C ASP A 43 20.29 25.50 9.94
N LEU A 44 21.53 25.40 10.40
CA LEU A 44 22.65 25.77 9.54
C LEU A 44 23.12 24.54 8.77
N SER A 45 23.55 24.76 7.53
CA SER A 45 24.07 23.70 6.70
C SER A 45 25.60 23.78 6.67
N PHE A 46 26.24 22.65 6.88
CA PHE A 46 27.69 22.59 6.98
C PHE A 46 28.20 21.42 6.16
N LYS A 47 29.48 21.50 5.77
CA LYS A 47 30.13 20.42 5.05
C LYS A 47 31.06 19.66 5.98
N LYS A 48 31.62 18.56 5.46
CA LYS A 48 32.55 17.77 6.26
C LYS A 48 33.79 18.59 6.60
N GLY A 49 34.29 18.41 7.81
CA GLY A 49 35.45 19.14 8.25
C GLY A 49 35.20 20.56 8.71
N GLU A 50 33.94 20.98 8.78
CA GLU A 50 33.64 22.33 9.22
C GLU A 50 33.89 22.46 10.72
N ARG A 51 34.39 23.63 11.13
CA ARG A 51 34.77 23.86 12.53
C ARG A 51 33.62 24.57 13.23
N LEU A 52 32.72 23.77 13.79
CA LEU A 52 31.54 24.30 14.45
C LEU A 52 31.84 24.59 15.93
N GLN A 53 31.56 25.80 16.36
CA GLN A 53 31.69 26.17 17.77
C GLN A 53 30.38 25.87 18.46
N ILE A 54 30.43 25.08 19.53
CA ILE A 54 29.23 24.67 20.25
C ILE A 54 28.97 25.73 21.32
N VAL A 55 27.94 26.54 21.10
CA VAL A 55 27.63 27.65 22.00
C VAL A 55 26.65 27.15 23.07
N ASN A 56 26.58 27.86 24.19
CA ASN A 56 26.08 27.34 25.47
C ASN A 56 24.84 26.47 25.35
N ASN A 57 23.99 26.70 24.34
CA ASN A 57 22.82 25.84 24.15
C ASN A 57 23.30 24.47 23.70
N THR A 58 23.30 23.51 24.62
CA THR A 58 23.86 22.19 24.33
C THR A 58 23.04 21.04 24.88
N GLU A 59 21.73 21.23 25.08
CA GLU A 59 20.86 20.19 25.61
C GLU A 59 19.94 19.67 24.52
N GLY A 60 19.45 18.45 24.70
CA GLY A 60 18.56 17.84 23.73
C GLY A 60 19.32 17.07 22.66
N ASP A 61 18.56 16.57 21.69
CA ASP A 61 19.17 15.87 20.56
C ASP A 61 19.77 16.84 19.54
N TRP A 62 19.33 18.08 19.54
CA TRP A 62 19.81 19.08 18.59
C TRP A 62 20.52 20.20 19.33
N TRP A 63 21.75 20.49 18.92
CA TRP A 63 22.55 21.55 19.52
C TRP A 63 22.45 22.80 18.66
N LEU A 64 22.62 23.95 19.28
CA LEU A 64 22.64 25.22 18.58
C LEU A 64 24.09 25.69 18.51
N ALA A 65 24.53 26.05 17.31
CA ALA A 65 25.94 26.35 17.07
C ALA A 65 26.07 27.34 15.93
N HIS A 66 27.29 27.82 15.71
CA HIS A 66 27.57 28.68 14.57
C HIS A 66 28.99 28.39 14.06
N SER A 67 29.14 28.44 12.74
CA SER A 67 30.34 27.97 12.06
C SER A 67 31.45 29.01 12.19
N LEU A 68 32.68 28.54 12.35
CA LEU A 68 33.84 29.42 12.46
C LEU A 68 34.42 29.81 11.12
N THR A 69 33.95 29.22 10.03
CA THR A 69 34.46 29.54 8.70
C THR A 69 33.43 30.24 7.81
N THR A 70 32.18 30.35 8.25
CA THR A 70 31.21 31.09 7.45
C THR A 70 30.47 32.11 8.29
N GLY A 71 30.07 31.74 9.49
CA GLY A 71 29.52 32.70 10.44
C GLY A 71 28.02 32.86 10.50
N GLN A 72 27.24 31.80 10.29
CA GLN A 72 25.81 31.83 10.56
C GLN A 72 25.47 30.89 11.70
N THR A 73 24.45 31.26 12.48
CA THR A 73 24.03 30.50 13.64
C THR A 73 22.80 29.66 13.28
N GLY A 74 22.80 28.42 13.75
CA GLY A 74 21.71 27.51 13.46
C GLY A 74 21.76 26.29 14.34
N TYR A 75 20.70 25.50 14.30
CA TYR A 75 20.62 24.25 15.05
C TYR A 75 21.15 23.10 14.20
N ILE A 76 22.00 22.28 14.80
CA ILE A 76 22.59 21.14 14.10
C ILE A 76 22.25 19.87 14.85
N PRO A 77 22.12 18.76 14.11
CA PRO A 77 21.94 17.47 14.79
C PRO A 77 23.23 17.06 15.47
N SER A 78 23.13 16.75 16.77
CA SER A 78 24.30 16.30 17.51
C SER A 78 24.73 14.91 17.10
N ASN A 79 23.93 14.24 16.27
CA ASN A 79 24.24 12.88 15.84
C ASN A 79 25.59 12.77 15.16
N TYR A 80 26.07 13.84 14.52
CA TYR A 80 27.41 13.83 13.92
C TYR A 80 28.13 15.14 14.24
N VAL A 81 28.80 15.16 15.39
CA VAL A 81 29.78 16.18 15.72
C VAL A 81 30.89 15.51 16.50
N ALA A 82 32.11 15.64 16.01
CA ALA A 82 33.23 14.97 16.64
C ALA A 82 33.99 15.92 17.56
N PRO A 83 34.27 15.51 18.79
CA PRO A 83 35.05 16.35 19.70
C PRO A 83 36.49 16.51 19.24
N SER A 84 37.23 17.39 19.92
CA SER A 84 38.62 17.70 19.55
C SER A 84 38.71 18.21 18.12
N VAL B 5 -4.93 -6.33 -25.49
CA VAL B 5 -6.19 -5.67 -25.80
C VAL B 5 -7.35 -6.64 -25.62
N GLN B 6 -7.08 -7.93 -25.80
CA GLN B 6 -8.13 -8.93 -25.69
C GLN B 6 -7.53 -10.26 -25.27
N LEU B 7 -8.39 -11.14 -24.77
CA LEU B 7 -8.02 -12.48 -24.34
C LEU B 7 -8.82 -13.50 -25.12
N VAL B 8 -8.19 -14.63 -25.44
CA VAL B 8 -8.84 -15.74 -26.11
C VAL B 8 -8.45 -17.03 -25.38
N GLU B 9 -9.28 -18.06 -25.54
CA GLU B 9 -9.02 -19.31 -24.85
C GLU B 9 -9.66 -20.45 -25.61
N SER B 10 -9.13 -21.65 -25.37
CA SER B 10 -9.66 -22.87 -25.99
C SER B 10 -9.23 -24.06 -25.15
N GLY B 11 -9.98 -25.15 -25.27
CA GLY B 11 -9.64 -26.37 -24.56
C GLY B 11 -10.83 -27.07 -23.93
N GLY B 12 -11.94 -26.35 -23.79
CA GLY B 12 -13.11 -26.95 -23.19
C GLY B 12 -13.74 -28.00 -24.08
N GLY B 13 -14.47 -28.92 -23.44
CA GLY B 13 -15.09 -30.00 -24.17
C GLY B 13 -15.72 -30.99 -23.21
N LEU B 14 -16.01 -32.18 -23.74
CA LEU B 14 -16.60 -33.26 -22.95
C LEU B 14 -15.48 -34.06 -22.31
N VAL B 15 -15.56 -34.26 -21.00
CA VAL B 15 -14.57 -35.02 -20.24
C VAL B 15 -15.25 -36.25 -19.65
N GLN B 16 -14.51 -37.33 -19.50
CA GLN B 16 -15.00 -38.52 -18.82
C GLN B 16 -15.25 -38.15 -17.37
N PRO B 17 -16.12 -38.87 -16.64
CA PRO B 17 -16.40 -38.49 -15.26
C PRO B 17 -15.18 -38.28 -14.39
N GLY B 18 -14.07 -38.96 -14.68
CA GLY B 18 -12.86 -38.79 -13.90
C GLY B 18 -11.60 -38.57 -14.72
N GLY B 19 -11.75 -38.00 -15.91
CA GLY B 19 -10.64 -37.78 -16.81
C GLY B 19 -9.93 -36.48 -16.53
N SER B 20 -9.17 -36.02 -17.52
CA SER B 20 -8.33 -34.84 -17.40
C SER B 20 -8.50 -33.94 -18.61
N LEU B 21 -8.29 -32.64 -18.42
CA LEU B 21 -8.45 -31.64 -19.47
C LEU B 21 -7.53 -30.47 -19.18
N ARG B 22 -7.26 -29.69 -20.22
CA ARG B 22 -6.35 -28.55 -20.10
C ARG B 22 -6.87 -27.38 -20.93
N LEU B 23 -6.92 -26.20 -20.32
CA LEU B 23 -7.40 -24.99 -20.97
C LEU B 23 -6.26 -23.98 -21.06
N SER B 24 -6.08 -23.39 -22.23
CA SER B 24 -5.02 -22.42 -22.48
C SER B 24 -5.64 -21.07 -22.81
N CYS B 25 -5.14 -20.02 -22.18
CA CYS B 25 -5.69 -18.67 -22.32
C CYS B 25 -4.61 -17.77 -22.94
N ALA B 26 -4.73 -17.48 -24.23
CA ALA B 26 -3.75 -16.68 -24.93
C ALA B 26 -4.08 -15.19 -24.75
N ALA B 27 -3.09 -14.43 -24.29
CA ALA B 27 -3.26 -13.01 -24.01
C ALA B 27 -2.54 -12.19 -25.07
N SER B 28 -3.24 -11.20 -25.61
CA SER B 28 -2.67 -10.28 -26.59
C SER B 28 -2.77 -8.86 -26.07
N GLY B 29 -1.70 -8.11 -26.24
CA GLY B 29 -1.65 -6.73 -25.76
C GLY B 29 -1.03 -6.55 -24.38
N PHE B 30 -1.49 -7.32 -23.41
CA PHE B 30 -0.94 -7.24 -22.07
C PHE B 30 0.40 -7.96 -21.99
N ASN B 31 1.28 -7.43 -21.15
CA ASN B 31 2.54 -8.10 -20.84
C ASN B 31 2.35 -8.98 -19.62
N VAL B 32 2.90 -10.19 -19.69
CA VAL B 32 2.64 -11.18 -18.63
C VAL B 32 3.19 -10.70 -17.29
N TYR B 33 4.39 -10.12 -17.29
CA TYR B 33 4.99 -9.68 -16.04
C TYR B 33 4.28 -8.45 -15.46
N SER B 34 3.58 -7.69 -16.30
CA SER B 34 2.92 -6.48 -15.85
C SER B 34 1.47 -6.70 -15.43
N SER B 35 0.97 -7.93 -15.50
CA SER B 35 -0.40 -8.21 -15.13
C SER B 35 -0.47 -9.57 -14.44
N SER B 36 -1.61 -9.85 -13.84
CA SER B 36 -1.85 -11.11 -13.14
C SER B 36 -3.06 -11.79 -13.78
N ILE B 37 -2.90 -13.05 -14.16
CA ILE B 37 -3.92 -13.77 -14.91
C ILE B 37 -4.69 -14.67 -13.95
N HIS B 38 -6.01 -14.56 -13.97
CA HIS B 38 -6.90 -15.30 -13.09
C HIS B 38 -7.76 -16.25 -13.90
N TRP B 39 -8.32 -17.24 -13.22
CA TRP B 39 -9.30 -18.15 -13.80
C TRP B 39 -10.55 -18.15 -12.92
N VAL B 40 -11.70 -17.87 -13.52
CA VAL B 40 -12.96 -17.79 -12.81
C VAL B 40 -13.95 -18.70 -13.53
N ARG B 41 -14.68 -19.51 -12.76
CA ARG B 41 -15.63 -20.45 -13.32
C ARG B 41 -17.04 -20.12 -12.86
N GLN B 42 -18.02 -20.44 -13.71
CA GLN B 42 -19.42 -20.15 -13.45
C GLN B 42 -20.23 -21.42 -13.72
N ALA B 43 -20.74 -22.05 -12.68
CA ALA B 43 -21.54 -23.24 -12.85
C ALA B 43 -22.85 -22.88 -13.53
N PRO B 44 -23.44 -23.81 -14.29
CA PRO B 44 -24.68 -23.49 -15.02
C PRO B 44 -25.84 -23.17 -14.10
N GLY B 45 -26.26 -21.91 -14.07
CA GLY B 45 -27.35 -21.48 -13.23
C GLY B 45 -26.97 -20.97 -11.87
N LYS B 46 -25.68 -20.77 -11.60
CA LYS B 46 -25.25 -20.26 -10.31
C LYS B 46 -24.33 -19.06 -10.48
N GLY B 47 -23.72 -18.60 -9.38
CA GLY B 47 -22.87 -17.43 -9.39
C GLY B 47 -21.45 -17.76 -9.79
N LEU B 48 -20.59 -16.74 -9.67
CA LEU B 48 -19.20 -16.87 -10.05
C LEU B 48 -18.37 -17.41 -8.89
N GLU B 49 -17.29 -18.13 -9.24
CA GLU B 49 -16.40 -18.72 -8.27
C GLU B 49 -14.97 -18.66 -8.82
N TRP B 50 -14.01 -18.39 -7.95
CA TRP B 50 -12.62 -18.22 -8.32
C TRP B 50 -11.87 -19.51 -8.03
N VAL B 51 -11.09 -19.99 -9.00
CA VAL B 51 -10.47 -21.31 -8.91
C VAL B 51 -8.96 -21.21 -8.81
N ALA B 52 -8.31 -20.35 -9.59
CA ALA B 52 -6.85 -20.26 -9.57
C ALA B 52 -6.41 -18.92 -10.11
N SER B 53 -5.17 -18.55 -9.79
CA SER B 53 -4.59 -17.32 -10.31
C SER B 53 -3.07 -17.43 -10.26
N ILE B 54 -2.42 -16.55 -11.02
CA ILE B 54 -0.96 -16.53 -11.10
C ILE B 54 -0.47 -15.10 -10.95
N SER B 55 0.77 -14.97 -10.47
CA SER B 55 1.39 -13.69 -10.17
C SER B 55 2.82 -13.66 -10.70
N SER B 56 2.97 -14.00 -11.99
CA SER B 56 4.26 -14.33 -12.58
C SER B 56 5.37 -13.32 -12.30
N TYR B 57 5.04 -12.09 -11.89
CA TYR B 57 6.10 -11.17 -11.50
C TYR B 57 6.84 -11.68 -10.28
N TYR B 58 6.12 -12.17 -9.28
CA TYR B 58 6.73 -12.72 -8.07
C TYR B 58 6.89 -14.23 -8.12
N GLY B 59 6.21 -14.91 -9.04
CA GLY B 59 6.30 -16.36 -9.12
C GLY B 59 5.36 -17.13 -8.23
N TYR B 60 4.27 -16.50 -7.78
CA TYR B 60 3.36 -17.12 -6.84
C TYR B 60 2.12 -17.65 -7.55
N THR B 61 1.54 -18.71 -6.98
CA THR B 61 0.32 -19.32 -7.49
C THR B 61 -0.64 -19.55 -6.33
N TYR B 62 -1.90 -19.18 -6.51
CA TYR B 62 -2.92 -19.32 -5.48
C TYR B 62 -4.09 -20.13 -6.04
N TYR B 63 -4.72 -20.92 -5.18
CA TYR B 63 -5.80 -21.80 -5.60
C TYR B 63 -6.99 -21.64 -4.64
N ALA B 64 -8.02 -22.44 -4.87
CA ALA B 64 -9.19 -22.50 -4.01
C ALA B 64 -9.24 -23.87 -3.33
N ASP B 65 -9.97 -23.93 -2.21
CA ASP B 65 -9.99 -25.15 -1.41
C ASP B 65 -10.63 -26.31 -2.16
N SER B 66 -11.50 -26.02 -3.13
CA SER B 66 -12.17 -27.09 -3.85
C SER B 66 -11.26 -27.80 -4.84
N VAL B 67 -10.22 -27.11 -5.32
CA VAL B 67 -9.41 -27.64 -6.41
C VAL B 67 -7.93 -27.58 -6.05
N LYS B 68 -7.63 -27.58 -4.76
CA LYS B 68 -6.24 -27.38 -4.32
C LYS B 68 -5.33 -28.50 -4.80
N GLY B 69 -5.76 -29.74 -4.68
CA GLY B 69 -4.92 -30.86 -5.01
C GLY B 69 -4.93 -31.34 -6.45
N ARG B 70 -5.75 -30.73 -7.31
CA ARG B 70 -5.91 -31.22 -8.67
C ARG B 70 -5.47 -30.22 -9.73
N PHE B 71 -5.97 -28.99 -9.68
CA PHE B 71 -5.64 -28.02 -10.71
C PHE B 71 -4.20 -27.55 -10.57
N THR B 72 -3.60 -27.15 -11.69
CA THR B 72 -2.24 -26.63 -11.70
C THR B 72 -2.17 -25.52 -12.74
N ILE B 73 -1.92 -24.29 -12.30
CA ILE B 73 -1.86 -23.14 -13.18
C ILE B 73 -0.41 -22.78 -13.45
N SER B 74 -0.09 -22.51 -14.71
CA SER B 74 1.25 -22.12 -15.11
C SER B 74 1.14 -21.21 -16.32
N ALA B 75 2.20 -20.44 -16.57
CA ALA B 75 2.21 -19.48 -17.65
C ALA B 75 3.48 -19.62 -18.47
N ASP B 76 3.37 -19.31 -19.76
CA ASP B 76 4.51 -19.29 -20.69
C ASP B 76 4.70 -17.86 -21.14
N THR B 77 5.72 -17.19 -20.59
CA THR B 77 5.96 -15.79 -20.91
C THR B 77 6.46 -15.61 -22.33
N SER B 78 7.06 -16.63 -22.95
CA SER B 78 7.50 -16.51 -24.33
C SER B 78 6.35 -16.31 -25.28
N LYS B 79 5.25 -17.03 -25.06
CA LYS B 79 4.06 -16.92 -25.88
C LYS B 79 2.94 -16.11 -25.22
N ASN B 80 3.19 -15.56 -24.02
CA ASN B 80 2.21 -14.76 -23.30
C ASN B 80 0.90 -15.52 -23.12
N THR B 81 1.01 -16.77 -22.67
CA THR B 81 -0.13 -17.66 -22.51
C THR B 81 -0.09 -18.29 -21.14
N ALA B 82 -1.27 -18.51 -20.55
CA ALA B 82 -1.41 -19.18 -19.27
C ALA B 82 -2.27 -20.43 -19.45
N TYR B 83 -1.87 -21.52 -18.81
CA TYR B 83 -2.55 -22.79 -18.90
C TYR B 83 -3.23 -23.13 -17.58
N LEU B 84 -4.11 -24.13 -17.63
CA LEU B 84 -4.80 -24.61 -16.44
C LEU B 84 -5.06 -26.10 -16.65
N GLN B 85 -4.15 -26.93 -16.14
CA GLN B 85 -4.34 -28.37 -16.20
C GLN B 85 -5.29 -28.81 -15.09
N MET B 86 -6.22 -29.68 -15.44
CA MET B 86 -7.17 -30.25 -14.50
C MET B 86 -6.92 -31.76 -14.44
N ASN B 87 -6.27 -32.20 -13.37
CA ASN B 87 -5.73 -33.56 -13.36
C ASN B 87 -6.82 -34.61 -13.16
N SER B 88 -7.77 -34.36 -12.27
CA SER B 88 -8.79 -35.37 -11.96
C SER B 88 -10.10 -34.64 -11.63
N LEU B 89 -10.94 -34.46 -12.64
CA LEU B 89 -12.20 -33.75 -12.49
C LEU B 89 -13.29 -34.68 -11.96
N ARG B 90 -14.19 -34.11 -11.16
CA ARG B 90 -15.38 -34.81 -10.69
C ARG B 90 -16.61 -34.16 -11.30
N ALA B 91 -17.78 -34.75 -11.01
CA ALA B 91 -19.00 -34.38 -11.72
C ALA B 91 -19.46 -32.96 -11.43
N GLU B 92 -18.96 -32.32 -10.38
CA GLU B 92 -19.40 -30.96 -10.07
C GLU B 92 -18.49 -29.89 -10.65
N ASP B 93 -17.53 -30.27 -11.49
CA ASP B 93 -16.64 -29.31 -12.14
C ASP B 93 -17.23 -28.77 -13.44
N THR B 94 -18.42 -29.20 -13.83
CA THR B 94 -19.02 -28.74 -15.07
C THR B 94 -19.41 -27.28 -14.92
N ALA B 95 -18.82 -26.41 -15.75
CA ALA B 95 -19.07 -24.98 -15.63
C ALA B 95 -18.57 -24.30 -16.89
N VAL B 96 -18.55 -22.97 -16.87
CA VAL B 96 -18.01 -22.14 -17.93
C VAL B 96 -16.84 -21.36 -17.36
N TYR B 97 -15.69 -21.44 -18.02
CA TYR B 97 -14.44 -20.92 -17.47
C TYR B 97 -14.07 -19.63 -18.16
N TYR B 98 -13.96 -18.55 -17.39
CA TYR B 98 -13.57 -17.25 -17.90
C TYR B 98 -12.14 -16.95 -17.47
N CYS B 99 -11.29 -16.62 -18.43
CA CYS B 99 -9.93 -16.21 -18.15
C CYS B 99 -9.91 -14.70 -17.95
N ALA B 100 -9.51 -14.25 -16.78
CA ALA B 100 -9.52 -12.85 -16.42
C ALA B 100 -8.12 -12.35 -16.12
N ARG B 101 -7.96 -11.03 -16.11
CA ARG B 101 -6.67 -10.42 -15.82
C ARG B 101 -6.90 -9.19 -14.94
N SER B 102 -5.82 -8.73 -14.32
CA SER B 102 -5.87 -7.55 -13.47
C SER B 102 -4.50 -6.90 -13.44
N ARG B 103 -4.47 -5.63 -13.04
CA ARG B 103 -3.20 -4.93 -12.88
C ARG B 103 -2.32 -5.68 -11.89
N GLN B 104 -1.06 -5.88 -12.25
CA GLN B 104 -0.14 -6.55 -11.34
C GLN B 104 0.17 -5.65 -10.14
N PHE B 105 0.25 -4.35 -10.36
CA PHE B 105 0.70 -3.42 -9.33
C PHE B 105 -0.48 -2.61 -8.81
N TRP B 106 -0.83 -2.86 -7.56
CA TRP B 106 -1.82 -2.08 -6.81
C TRP B 106 -3.21 -2.17 -7.43
N TYR B 107 -3.66 -3.40 -7.67
CA TYR B 107 -5.04 -3.66 -8.05
C TYR B 107 -5.23 -5.17 -8.09
N SER B 108 -6.44 -5.65 -7.77
CA SER B 108 -6.74 -7.07 -7.89
C SER B 108 -8.13 -7.36 -8.43
N GLY B 109 -8.76 -6.40 -9.12
CA GLY B 109 -10.10 -6.57 -9.64
C GLY B 109 -10.08 -6.83 -11.14
N LEU B 110 -10.78 -7.87 -11.55
CA LEU B 110 -10.70 -8.36 -12.92
C LEU B 110 -11.40 -7.38 -13.86
N ASP B 111 -10.66 -6.85 -14.84
CA ASP B 111 -11.23 -5.87 -15.76
C ASP B 111 -11.31 -6.33 -17.21
N TYR B 112 -10.45 -7.24 -17.65
CA TYR B 112 -10.55 -7.83 -18.98
C TYR B 112 -10.92 -9.30 -18.86
N TRP B 113 -11.98 -9.70 -19.54
CA TRP B 113 -12.50 -11.06 -19.47
C TRP B 113 -12.53 -11.69 -20.86
N GLY B 114 -12.16 -12.96 -20.94
CA GLY B 114 -12.25 -13.71 -22.17
C GLY B 114 -13.63 -14.29 -22.37
N GLN B 115 -13.76 -15.10 -23.43
CA GLN B 115 -14.99 -15.81 -23.67
C GLN B 115 -15.07 -17.03 -22.77
N GLY B 116 -16.14 -17.80 -22.90
CA GLY B 116 -16.35 -18.98 -22.08
C GLY B 116 -15.96 -20.26 -22.80
N THR B 117 -15.47 -21.22 -22.02
CA THR B 117 -15.14 -22.55 -22.53
C THR B 117 -15.94 -23.56 -21.70
N LEU B 118 -16.99 -24.10 -22.30
CA LEU B 118 -17.81 -25.08 -21.62
C LEU B 118 -17.03 -26.37 -21.38
N VAL B 119 -17.12 -26.89 -20.16
CA VAL B 119 -16.48 -28.14 -19.78
C VAL B 119 -17.55 -29.04 -19.15
N THR B 120 -17.84 -30.16 -19.78
CA THR B 120 -18.92 -31.05 -19.35
C THR B 120 -18.31 -32.36 -18.84
N VAL B 121 -18.48 -32.60 -17.53
CA VAL B 121 -18.00 -33.81 -16.91
C VAL B 121 -19.15 -34.73 -16.55
N ASP C 13 3.81 -7.52 26.62
CA ASP C 13 2.79 -7.37 25.58
C ASP C 13 3.33 -6.61 24.39
N GLU C 14 3.04 -7.10 23.19
CA GLU C 14 3.54 -6.49 21.97
C GLU C 14 2.67 -5.33 21.51
N SEP C 15 2.81 -4.95 20.25
CA SEP C 15 2.06 -3.83 19.69
CB SEP C 15 2.75 -3.30 18.44
OG SEP C 15 4.11 -2.99 18.69
C SEP C 15 0.63 -4.22 19.36
O SEP C 15 0.25 -5.39 19.47
P SEP C 15 4.87 -2.83 17.28
O1P SEP C 15 4.97 -4.27 16.57
O2P SEP C 15 6.35 -2.26 17.55
O3P SEP C 15 4.06 -1.82 16.34
N CYS C 16 -0.16 -3.24 18.94
CA CYS C 16 -1.51 -3.49 18.48
C CYS C 16 -1.54 -3.53 16.96
N TPO C 17 -2.69 -3.89 16.39
CA TPO C 17 -2.82 -3.96 14.94
CB TPO C 17 -3.77 -5.09 14.56
CG2 TPO C 17 -4.19 -5.01 13.09
OG1 TPO C 17 -3.11 -6.33 14.78
P TPO C 17 -4.04 -7.18 15.77
O1P TPO C 17 -5.29 -7.54 15.07
O2P TPO C 17 -4.39 -6.29 17.07
O3P TPO C 17 -3.27 -8.52 16.22
C TPO C 17 -3.30 -2.63 14.38
O TPO C 17 -4.20 -2.00 14.95
N TPO C 18 -2.69 -2.19 13.29
CA TPO C 18 -3.04 -0.92 12.65
CB TPO C 18 -1.99 -0.54 11.63
CG2 TPO C 18 -2.40 0.76 10.95
OG1 TPO C 18 -0.74 -0.36 12.30
P TPO C 18 0.36 -1.21 11.50
O1P TPO C 18 0.39 -0.78 10.08
O2P TPO C 18 1.81 -0.97 12.17
O3P TPO C 18 0.00 -2.78 11.58
C TPO C 18 -4.41 -1.01 11.98
O TPO C 18 -4.61 -1.79 11.06
N ALA C 19 -5.35 -0.20 12.45
CA ALA C 19 -6.72 -0.25 11.95
C ALA C 19 -7.06 1.02 11.18
N SEP C 20 -8.36 1.25 11.02
CA SEP C 20 -8.87 2.40 10.29
CB SEP C 20 -9.05 2.07 8.82
OG SEP C 20 -10.10 1.13 8.65
C SEP C 20 -10.20 2.83 10.88
O SEP C 20 -10.84 2.06 11.59
P SEP C 20 -10.30 0.75 7.11
O1P SEP C 20 -8.93 0.20 6.50
O2P SEP C 20 -10.79 2.04 6.29
O3P SEP C 20 -11.44 -0.39 7.01
N SEP C 21 -10.63 4.05 10.59
CA SEP C 21 -11.93 4.51 11.04
CB SEP C 21 -11.83 5.09 12.46
OG SEP C 21 -13.12 5.27 12.99
C SEP C 21 -12.53 5.54 10.10
O SEP C 21 -11.82 6.16 9.31
P SEP C 21 -13.06 5.51 14.58
O1P SEP C 21 -12.15 4.37 15.25
O2P SEP C 21 -12.43 6.95 14.88
O3P SEP C 21 -14.55 5.43 15.18
N SEP C 22 -13.84 5.73 10.20
CA SEP C 22 -14.58 6.62 9.32
CB SEP C 22 -16.08 6.48 9.55
OG SEP C 22 -16.42 6.96 10.84
C SEP C 22 -14.17 8.07 9.49
O SEP C 22 -13.38 8.40 10.36
P SEP C 22 -17.82 6.34 11.30
O1P SEP C 22 -18.94 6.64 10.19
O2P SEP C 22 -18.26 7.00 12.70
O3P SEP C 22 -17.69 4.74 11.49
N LEU C 23 -14.73 8.93 8.65
CA LEU C 23 -14.50 10.37 8.75
C LEU C 23 -15.64 11.11 8.05
N ALA C 24 -16.09 12.19 8.65
CA ALA C 24 -17.24 12.92 8.13
C ALA C 24 -16.92 13.53 6.77
N LYS C 25 -17.98 13.75 5.98
CA LYS C 25 -17.81 14.34 4.65
C LYS C 25 -17.24 15.75 4.74
N ASP C 26 -17.76 16.55 5.68
CA ASP C 26 -17.28 17.91 5.88
C ASP C 26 -17.73 18.45 7.24
N GLN D 3 -12.89 -9.55 24.26
CA GLN D 3 -14.17 -9.49 23.58
C GLN D 3 -14.96 -8.27 24.03
N LEU D 4 -16.02 -7.95 23.28
CA LEU D 4 -16.80 -6.74 23.55
C LEU D 4 -18.22 -6.98 23.02
N GLN D 5 -19.14 -7.26 23.92
CA GLN D 5 -20.54 -7.41 23.57
C GLN D 5 -21.41 -6.71 24.60
N GLU D 6 -22.48 -6.07 24.13
CA GLU D 6 -23.34 -5.23 24.95
C GLU D 6 -24.70 -5.88 25.12
N SER D 7 -25.53 -5.26 25.95
CA SER D 7 -26.86 -5.77 26.26
C SER D 7 -27.79 -4.59 26.48
N GLY D 8 -29.00 -4.88 26.94
CA GLY D 8 -29.92 -3.85 27.38
C GLY D 8 -30.80 -3.23 26.32
N GLY D 9 -30.59 -3.55 25.05
CA GLY D 9 -31.40 -2.98 24.00
C GLY D 9 -32.83 -3.48 24.04
N GLY D 10 -33.73 -2.71 23.43
CA GLY D 10 -35.12 -3.10 23.41
C GLY D 10 -36.00 -2.00 22.84
N LEU D 11 -37.29 -2.14 23.08
CA LEU D 11 -38.30 -1.20 22.58
C LEU D 11 -38.97 -0.51 23.76
N VAL D 12 -39.05 0.82 23.69
CA VAL D 12 -39.65 1.63 24.74
C VAL D 12 -40.49 2.73 24.11
N GLN D 13 -41.42 3.25 24.90
CA GLN D 13 -42.19 4.41 24.49
C GLN D 13 -41.41 5.68 24.81
N ALA D 14 -42.03 6.83 24.59
CA ALA D 14 -41.40 8.11 24.89
C ALA D 14 -41.67 8.45 26.35
N GLY D 15 -40.78 8.00 27.23
CA GLY D 15 -40.95 8.17 28.66
C GLY D 15 -40.43 6.99 29.45
N GLY D 16 -40.01 5.94 28.76
CA GLY D 16 -39.49 4.75 29.39
C GLY D 16 -38.04 4.92 29.80
N SER D 17 -37.43 3.78 30.13
CA SER D 17 -36.05 3.77 30.60
C SER D 17 -35.43 2.41 30.32
N LEU D 18 -34.13 2.43 29.99
CA LEU D 18 -33.35 1.22 29.77
C LEU D 18 -32.05 1.33 30.53
N ARG D 19 -31.35 0.21 30.65
CA ARG D 19 -30.05 0.15 31.33
C ARG D 19 -29.10 -0.66 30.45
N LEU D 20 -28.39 0.03 29.57
CA LEU D 20 -27.40 -0.63 28.72
C LEU D 20 -26.19 -1.01 29.55
N SER D 21 -25.53 -2.10 29.15
CA SER D 21 -24.36 -2.58 29.88
C SER D 21 -23.51 -3.42 28.94
N CYS D 22 -22.25 -3.61 29.32
CA CYS D 22 -21.35 -4.47 28.57
C CYS D 22 -20.18 -4.87 29.44
N VAL D 23 -19.73 -6.11 29.28
CA VAL D 23 -18.56 -6.64 29.96
C VAL D 23 -17.47 -6.87 28.93
N VAL D 24 -16.26 -6.39 29.23
CA VAL D 24 -15.10 -6.57 28.35
C VAL D 24 -14.24 -7.68 28.91
N SER D 25 -13.83 -8.60 28.05
CA SER D 25 -12.92 -9.68 28.41
C SER D 25 -11.64 -9.53 27.59
N GLY D 26 -10.51 -9.88 28.22
CA GLY D 26 -9.22 -9.70 27.58
C GLY D 26 -8.65 -8.31 27.72
N PHE D 27 -9.32 -7.41 28.44
CA PHE D 27 -8.83 -6.07 28.69
C PHE D 27 -9.27 -5.65 30.08
N PHE D 28 -8.48 -4.77 30.70
CA PHE D 28 -8.76 -4.28 32.03
C PHE D 28 -8.79 -2.76 32.01
N PHE D 29 -9.84 -2.18 32.58
CA PHE D 29 -9.98 -0.73 32.62
C PHE D 29 -9.97 -0.21 34.05
N ASP D 30 -9.07 -0.75 34.87
CA ASP D 30 -8.91 -0.26 36.24
C ASP D 30 -8.53 1.22 36.28
N THR D 31 -7.90 1.73 35.22
CA THR D 31 -7.55 3.14 35.14
C THR D 31 -7.95 3.80 33.82
N VAL D 32 -8.25 3.02 32.78
CA VAL D 32 -8.65 3.60 31.50
C VAL D 32 -10.01 4.28 31.65
N THR D 33 -10.23 5.30 30.84
CA THR D 33 -11.50 6.01 30.81
C THR D 33 -12.41 5.36 29.77
N MET D 34 -13.54 4.81 30.21
CA MET D 34 -14.47 4.11 29.35
C MET D 34 -15.65 5.00 29.00
N ALA D 35 -16.08 4.94 27.75
CA ALA D 35 -17.12 5.83 27.24
C ALA D 35 -18.13 5.03 26.42
N TRP D 36 -19.33 5.59 26.31
CA TRP D 36 -20.41 5.02 25.52
C TRP D 36 -20.60 5.86 24.27
N TYR D 37 -20.70 5.20 23.12
CA TYR D 37 -20.89 5.88 21.85
C TYR D 37 -22.21 5.45 21.23
N ARG D 38 -22.85 6.37 20.50
CA ARG D 38 -24.09 6.07 19.81
C ARG D 38 -24.00 6.50 18.36
N ARG D 39 -24.81 5.88 17.51
CA ARG D 39 -24.81 6.17 16.08
C ARG D 39 -26.25 6.18 15.59
N ALA D 40 -26.78 7.37 15.31
CA ALA D 40 -28.10 7.48 14.73
C ALA D 40 -28.11 6.85 13.33
N PRO D 41 -29.23 6.27 12.91
CA PRO D 41 -29.26 5.61 11.60
C PRO D 41 -28.92 6.57 10.47
N GLY D 42 -28.07 6.11 9.56
CA GLY D 42 -27.60 6.95 8.48
C GLY D 42 -26.79 8.14 8.93
N LYS D 43 -25.95 7.96 9.95
CA LYS D 43 -25.14 9.05 10.47
C LYS D 43 -23.86 8.49 11.06
N HIS D 44 -22.87 9.36 11.25
CA HIS D 44 -21.60 8.95 11.82
C HIS D 44 -21.71 8.82 13.33
N ARG D 45 -20.79 8.04 13.91
CA ARG D 45 -20.83 7.74 15.33
C ARG D 45 -20.43 8.95 16.15
N GLU D 46 -21.11 9.16 17.27
CA GLU D 46 -20.89 10.28 18.17
C GLU D 46 -20.56 9.75 19.56
N LEU D 47 -20.26 10.67 20.48
CA LEU D 47 -20.00 10.35 21.87
C LEU D 47 -21.20 10.76 22.72
N VAL D 48 -21.52 9.94 23.71
CA VAL D 48 -22.69 10.15 24.55
C VAL D 48 -22.29 10.43 25.99
N ALA D 49 -21.43 9.60 26.58
CA ALA D 49 -21.07 9.74 27.97
C ALA D 49 -19.66 9.21 28.20
N SER D 50 -19.09 9.56 29.34
CA SER D 50 -17.74 9.14 29.69
C SER D 50 -17.64 9.01 31.20
N ALA D 51 -16.68 8.22 31.65
CA ALA D 51 -16.52 7.98 33.09
C ALA D 51 -15.10 7.52 33.34
N THR D 52 -14.32 8.34 34.04
CA THR D 52 -12.98 7.98 34.44
C THR D 52 -13.03 7.10 35.69
N ALA D 53 -11.87 6.54 36.04
CA ALA D 53 -11.81 5.68 37.22
C ALA D 53 -12.09 6.46 38.50
N GLY D 54 -11.79 7.75 38.51
CA GLY D 54 -12.02 8.56 39.68
C GLY D 54 -13.42 9.10 39.87
N GLY D 55 -14.30 8.87 38.89
CA GLY D 55 -15.68 9.32 38.98
C GLY D 55 -16.00 10.55 38.18
N THR D 56 -15.00 11.21 37.59
CA THR D 56 -15.24 12.41 36.79
C THR D 56 -15.94 12.02 35.50
N THR D 57 -17.23 12.33 35.39
CA THR D 57 -18.06 11.92 34.27
C THR D 57 -18.50 13.14 33.47
N THR D 58 -18.52 13.00 32.15
CA THR D 58 -18.92 14.06 31.24
C THR D 58 -19.96 13.53 30.26
N TYR D 59 -20.99 14.34 30.01
CA TYR D 59 -22.11 13.97 29.15
C TYR D 59 -22.17 14.89 27.94
N ALA D 60 -22.70 14.35 26.83
CA ALA D 60 -23.01 15.17 25.68
C ALA D 60 -24.19 16.08 26.00
N ASP D 61 -24.25 17.22 25.30
CA ASP D 61 -25.24 18.24 25.64
C ASP D 61 -26.66 17.74 25.39
N SER D 62 -26.86 16.88 24.40
CA SER D 62 -28.20 16.42 24.07
C SER D 62 -28.74 15.39 25.05
N VAL D 63 -27.88 14.82 25.89
CA VAL D 63 -28.30 13.82 26.86
C VAL D 63 -28.08 14.30 28.29
N LYS D 64 -27.76 15.57 28.49
CA LYS D 64 -27.50 16.08 29.83
C LYS D 64 -28.76 15.99 30.69
N ASP D 65 -28.55 15.68 31.97
CA ASP D 65 -29.57 15.55 33.02
C ASP D 65 -30.46 14.33 32.84
N ARG D 66 -30.32 13.56 31.76
CA ARG D 66 -31.14 12.39 31.53
C ARG D 66 -30.34 11.10 31.69
N PHE D 67 -29.25 10.96 30.93
CA PHE D 67 -28.43 9.76 31.00
C PHE D 67 -27.55 9.80 32.25
N THR D 68 -27.08 8.62 32.65
CA THR D 68 -26.17 8.51 33.78
C THR D 68 -25.35 7.24 33.59
N ILE D 69 -24.04 7.40 33.44
CA ILE D 69 -23.16 6.27 33.15
C ILE D 69 -22.58 5.75 34.46
N SER D 70 -22.85 4.48 34.75
CA SER D 70 -22.29 3.79 35.91
C SER D 70 -21.13 2.92 35.47
N ARG D 71 -20.19 2.70 36.38
CA ARG D 71 -18.96 1.99 36.06
C ARG D 71 -18.63 1.07 37.24
N ASP D 72 -18.71 -0.24 36.99
CA ASP D 72 -18.43 -1.24 38.02
C ASP D 72 -17.04 -1.83 37.74
N ASN D 73 -16.03 -1.30 38.43
CA ASN D 73 -14.67 -1.73 38.21
C ASN D 73 -14.44 -3.15 38.72
N ALA D 74 -15.09 -3.52 39.82
CA ALA D 74 -14.87 -4.84 40.42
C ALA D 74 -15.32 -5.96 39.49
N LYS D 75 -16.50 -5.83 38.90
CA LYS D 75 -17.03 -6.83 37.98
C LYS D 75 -16.65 -6.56 36.54
N ASN D 76 -15.90 -5.50 36.28
CA ASN D 76 -15.41 -5.16 34.95
C ASN D 76 -16.58 -4.90 33.99
N THR D 77 -17.40 -3.93 34.34
CA THR D 77 -18.62 -3.62 33.60
C THR D 77 -18.91 -2.14 33.64
N VAL D 78 -19.44 -1.61 32.55
CA VAL D 78 -19.88 -0.22 32.45
C VAL D 78 -21.36 -0.21 32.12
N TYR D 79 -22.13 0.57 32.88
CA TYR D 79 -23.57 0.69 32.69
C TYR D 79 -23.92 2.10 32.23
N LEU D 80 -24.83 2.19 31.27
CA LEU D 80 -25.47 3.44 30.89
C LEU D 80 -26.95 3.31 31.24
N GLN D 81 -27.46 4.26 32.00
CA GLN D 81 -28.87 4.27 32.35
C GLN D 81 -29.53 5.48 31.71
N MET D 82 -30.60 5.24 30.97
CA MET D 82 -31.27 6.26 30.18
C MET D 82 -32.65 6.52 30.75
N ASN D 83 -32.97 7.78 31.00
CA ASN D 83 -34.26 8.16 31.56
C ASN D 83 -34.89 9.28 30.74
N SER D 84 -36.21 9.28 30.68
CA SER D 84 -36.98 10.28 29.95
C SER D 84 -36.52 10.37 28.49
N LEU D 85 -36.73 9.27 27.78
CA LEU D 85 -36.31 9.19 26.39
C LEU D 85 -37.21 10.02 25.49
N LYS D 86 -36.68 10.36 24.33
CA LYS D 86 -37.40 11.07 23.29
C LYS D 86 -37.07 10.43 21.95
N PRO D 87 -37.90 10.64 20.93
CA PRO D 87 -37.63 10.00 19.63
C PRO D 87 -36.27 10.31 19.05
N GLU D 88 -35.67 11.45 19.40
CA GLU D 88 -34.35 11.79 18.89
C GLU D 88 -33.28 10.82 19.37
N ASP D 89 -33.51 10.11 20.46
CA ASP D 89 -32.53 9.22 21.05
C ASP D 89 -32.53 7.84 20.41
N THR D 90 -33.13 7.70 19.24
CA THR D 90 -33.15 6.41 18.55
C THR D 90 -31.82 6.23 17.83
N ALA D 91 -31.06 5.20 18.20
CA ALA D 91 -29.76 4.94 17.62
C ALA D 91 -29.31 3.56 18.06
N VAL D 92 -28.09 3.20 17.67
CA VAL D 92 -27.43 1.98 18.13
C VAL D 92 -26.21 2.39 18.94
N TYR D 93 -26.05 1.79 20.12
CA TYR D 93 -25.09 2.27 21.11
C TYR D 93 -23.94 1.29 21.24
N TYR D 94 -22.72 1.82 21.27
CA TYR D 94 -21.51 1.04 21.42
C TYR D 94 -20.78 1.44 22.69
N CYS D 95 -19.78 0.65 23.06
CA CYS D 95 -18.89 0.96 24.15
C CYS D 95 -17.44 0.79 23.70
N ASN D 96 -16.56 1.61 24.25
CA ASN D 96 -15.16 1.61 23.86
C ASN D 96 -14.39 2.44 24.88
N THR D 97 -13.09 2.52 24.69
CA THR D 97 -12.27 3.42 25.49
C THR D 97 -12.43 4.84 24.98
N PHE D 98 -11.97 5.80 25.78
CA PHE D 98 -12.06 7.20 25.35
C PHE D 98 -11.23 7.45 24.09
N VAL D 99 -10.18 6.66 23.88
CA VAL D 99 -9.27 6.87 22.77
C VAL D 99 -9.65 5.96 21.60
N ARG D 100 -10.79 5.28 21.71
CA ARG D 100 -11.28 4.40 20.67
C ARG D 100 -10.22 3.37 20.27
N SER D 101 -9.64 2.73 21.28
CA SER D 101 -8.54 1.80 21.08
C SER D 101 -8.99 0.38 20.79
N LEU D 102 -10.04 -0.08 21.47
CA LEU D 102 -10.52 -1.44 21.29
C LEU D 102 -11.29 -1.59 19.98
N SER D 103 -11.45 -2.83 19.55
CA SER D 103 -12.30 -3.12 18.40
C SER D 103 -13.75 -2.76 18.71
N TRP D 104 -14.48 -2.30 17.70
CA TRP D 104 -15.78 -1.72 17.95
C TRP D 104 -16.84 -2.77 18.29
N GLY D 105 -16.85 -3.88 17.56
CA GLY D 105 -17.87 -4.87 17.82
C GLY D 105 -19.25 -4.41 17.36
N GLN D 106 -20.26 -5.16 17.78
CA GLN D 106 -21.65 -4.91 17.43
C GLN D 106 -22.39 -4.45 18.66
N GLY D 107 -22.98 -3.25 18.60
CA GLY D 107 -23.65 -2.66 19.72
C GLY D 107 -25.09 -3.11 19.85
N THR D 108 -25.79 -2.48 20.79
CA THR D 108 -27.18 -2.79 21.07
C THR D 108 -28.09 -1.70 20.52
N GLN D 109 -29.24 -2.11 20.01
CA GLN D 109 -30.15 -1.22 19.30
C GLN D 109 -31.22 -0.70 20.26
N VAL D 110 -31.45 0.61 20.22
CA VAL D 110 -32.50 1.26 20.98
C VAL D 110 -33.43 1.97 20.01
N THR D 111 -34.72 1.66 20.09
CA THR D 111 -35.72 2.26 19.23
C THR D 111 -36.84 2.83 20.11
N VAL D 112 -37.21 4.08 19.85
CA VAL D 112 -38.19 4.79 20.67
C VAL D 112 -39.33 5.24 19.75
N SER D 113 -40.55 4.96 20.17
CA SER D 113 -41.74 5.31 19.39
C SER D 113 -42.10 6.78 19.52
N THR E 5 -14.78 8.68 3.13
CA THR E 5 -13.36 8.89 3.35
C THR E 5 -12.94 8.25 4.68
N ARG E 6 -11.74 7.68 4.71
CA ARG E 6 -11.25 6.97 5.88
C ARG E 6 -9.93 7.58 6.34
N VAL E 7 -9.58 7.28 7.59
CA VAL E 7 -8.30 7.66 8.16
C VAL E 7 -7.65 6.43 8.78
N PHE E 8 -6.33 6.49 8.93
CA PHE E 8 -5.56 5.42 9.54
C PHE E 8 -5.34 5.73 11.01
N LYS E 9 -5.57 4.75 11.87
CA LYS E 9 -5.37 4.92 13.30
C LYS E 9 -4.57 3.74 13.85
N LYS E 10 -3.80 4.02 14.91
CA LYS E 10 -3.11 2.99 15.67
C LYS E 10 -3.26 3.32 17.15
N ALA E 11 -3.44 2.29 17.95
CA ALA E 11 -3.72 2.46 19.37
C ALA E 11 -2.53 1.98 20.21
N SER E 12 -2.41 2.54 21.40
CA SER E 12 -1.36 2.17 22.33
C SER E 12 -1.72 0.89 23.06
N PRO E 13 -0.73 0.09 23.47
CA PRO E 13 -1.03 -1.16 24.19
C PRO E 13 -1.82 -0.96 25.47
N ASN E 14 -1.62 0.17 26.15
CA ASN E 14 -2.32 0.43 27.40
C ASN E 14 -3.67 1.11 27.19
N GLY E 15 -4.04 1.39 25.95
CA GLY E 15 -5.35 1.96 25.66
C GLY E 15 -5.59 3.34 26.20
N LYS E 16 -4.57 4.21 26.15
CA LYS E 16 -4.71 5.60 26.57
C LYS E 16 -4.11 6.56 25.56
N LEU E 17 -3.93 6.11 24.32
CA LEU E 17 -3.28 6.91 23.30
C LEU E 17 -3.70 6.39 21.93
N THR E 18 -3.85 7.30 20.97
CA THR E 18 -4.19 6.93 19.60
C THR E 18 -3.66 8.00 18.66
N VAL E 19 -3.17 7.57 17.50
CA VAL E 19 -2.63 8.46 16.48
C VAL E 19 -3.44 8.29 15.21
N TYR E 20 -3.94 9.40 14.67
CA TYR E 20 -4.72 9.40 13.44
C TYR E 20 -3.91 10.02 12.32
N LEU E 21 -3.85 9.34 11.18
CA LEU E 21 -3.09 9.81 10.03
C LEU E 21 -3.94 9.76 8.77
N GLY E 22 -3.78 10.77 7.91
CA GLY E 22 -4.53 10.79 6.67
C GLY E 22 -4.10 9.72 5.70
N LYS E 23 -2.80 9.47 5.59
CA LYS E 23 -2.28 8.53 4.60
C LYS E 23 -0.93 8.01 5.09
N ARG E 24 -0.47 6.93 4.45
CA ARG E 24 0.81 6.33 4.77
C ARG E 24 1.90 6.61 3.75
N ASP E 25 1.55 6.82 2.48
CA ASP E 25 2.52 7.11 1.43
C ASP E 25 2.47 8.59 1.12
N PHE E 26 3.59 9.28 1.31
CA PHE E 26 3.70 10.72 1.10
C PHE E 26 4.57 10.97 -0.12
N VAL E 27 3.95 11.45 -1.19
CA VAL E 27 4.65 11.63 -2.46
C VAL E 27 5.71 12.72 -2.31
N ASP E 28 6.79 12.58 -3.08
CA ASP E 28 7.92 13.51 -3.06
C ASP E 28 7.99 14.19 -4.42
N HIS E 29 7.23 15.27 -4.57
CA HIS E 29 7.45 16.16 -5.71
C HIS E 29 8.78 16.86 -5.53
N ILE E 30 9.45 17.13 -6.65
CA ILE E 30 10.79 17.71 -6.58
C ILE E 30 10.74 19.09 -5.93
N ASP E 31 9.69 19.87 -6.20
CA ASP E 31 9.58 21.20 -5.63
C ASP E 31 9.32 21.14 -4.12
N LEU E 32 8.37 20.30 -3.69
CA LEU E 32 8.01 20.22 -2.30
C LEU E 32 7.48 18.82 -1.99
N VAL E 33 7.51 18.46 -0.71
CA VAL E 33 7.11 17.14 -0.25
C VAL E 33 5.80 17.27 0.52
N ASP E 34 4.90 16.32 0.32
CA ASP E 34 3.61 16.33 0.99
C ASP E 34 3.80 16.36 2.50
N PRO E 35 3.11 17.24 3.22
CA PRO E 35 3.30 17.31 4.67
C PRO E 35 2.68 16.12 5.38
N VAL E 36 3.23 15.80 6.54
CA VAL E 36 2.76 14.68 7.36
C VAL E 36 1.89 15.29 8.45
N ASP E 37 0.59 15.39 8.19
CA ASP E 37 -0.35 15.92 9.15
C ASP E 37 -1.09 14.80 9.85
N GLY E 38 -1.64 15.12 11.02
CA GLY E 38 -2.31 14.12 11.82
C GLY E 38 -2.81 14.71 13.11
N VAL E 39 -3.22 13.83 14.03
CA VAL E 39 -3.76 14.26 15.31
C VAL E 39 -3.63 13.09 16.28
N VAL E 40 -3.53 13.42 17.56
CA VAL E 40 -3.32 12.43 18.62
C VAL E 40 -4.46 12.55 19.63
N LEU E 41 -5.12 11.43 19.91
CA LEU E 41 -6.19 11.38 20.89
C LEU E 41 -5.65 10.76 22.18
N VAL E 42 -5.91 11.42 23.31
CA VAL E 42 -5.29 11.06 24.58
C VAL E 42 -6.34 11.02 25.67
N ASP E 43 -6.12 10.16 26.66
CA ASP E 43 -7.07 9.98 27.74
C ASP E 43 -7.17 11.25 28.57
N PRO E 44 -8.37 11.63 29.03
CA PRO E 44 -8.48 12.84 29.87
C PRO E 44 -7.65 12.77 31.14
N GLU E 45 -7.56 11.60 31.76
CA GLU E 45 -6.86 11.45 33.03
C GLU E 45 -5.40 11.07 32.86
N TYR E 46 -4.89 11.09 31.63
CA TYR E 46 -3.49 10.77 31.39
C TYR E 46 -2.58 11.99 31.41
N LEU E 47 -3.11 13.18 31.13
CA LEU E 47 -2.32 14.41 31.14
C LEU E 47 -2.48 15.17 32.45
N LYS E 48 -2.67 14.47 33.56
CA LYS E 48 -2.84 15.16 34.83
C LYS E 48 -1.59 15.95 35.20
N GLU E 49 -0.42 15.35 35.04
CA GLU E 49 0.84 16.03 35.34
C GLU E 49 1.90 15.72 34.29
N ARG E 50 1.49 15.50 33.05
CA ARG E 50 2.41 15.08 32.00
C ARG E 50 2.16 15.89 30.74
N ARG E 51 3.04 15.70 29.75
CA ARG E 51 2.93 16.34 28.45
C ARG E 51 3.14 15.30 27.37
N VAL E 52 2.45 15.48 26.25
CA VAL E 52 2.43 14.51 25.16
C VAL E 52 3.36 14.98 24.05
N TYR E 53 4.21 14.09 23.56
CA TYR E 53 5.19 14.39 22.53
C TYR E 53 4.89 13.59 21.27
N VAL E 54 5.43 14.07 20.14
CA VAL E 54 5.35 13.36 18.86
C VAL E 54 6.72 13.43 18.21
N THR E 55 7.23 12.28 17.78
CA THR E 55 8.57 12.18 17.21
C THR E 55 8.53 11.44 15.89
N LEU E 56 9.11 12.03 14.85
CA LEU E 56 9.29 11.38 13.56
C LEU E 56 10.78 11.28 13.27
N THR E 57 11.22 10.09 12.85
CA THR E 57 12.62 9.82 12.66
C THR E 57 12.86 9.13 11.33
N VAL E 58 14.03 9.37 10.75
CA VAL E 58 14.48 8.71 9.53
C VAL E 58 15.84 8.10 9.81
N ALA E 59 15.98 6.80 9.53
CA ALA E 59 17.17 6.07 9.91
C ALA E 59 17.70 5.26 8.74
N PHE E 60 19.02 5.10 8.72
CA PHE E 60 19.70 4.24 7.75
C PHE E 60 20.34 3.10 8.54
N ARG E 61 19.96 1.87 8.20
CA ARG E 61 20.36 0.69 8.96
C ARG E 61 21.26 -0.18 8.08
N TYR E 62 22.39 -0.62 8.64
CA TYR E 62 23.32 -1.49 7.91
C TYR E 62 23.86 -2.56 8.86
N GLY E 63 23.26 -2.66 10.04
CA GLY E 63 23.73 -3.60 11.04
C GLY E 63 22.61 -4.55 11.46
N ARG E 64 23.02 -5.67 12.05
CA ARG E 64 22.06 -6.64 12.56
C ARG E 64 21.74 -6.42 14.03
N GLU E 65 22.76 -6.17 14.86
CA GLU E 65 22.57 -5.89 16.28
C GLU E 65 23.52 -4.78 16.70
N ASP E 66 22.98 -3.74 17.33
CA ASP E 66 23.80 -2.64 17.81
C ASP E 66 24.72 -3.09 18.94
N LEU E 70 28.45 -3.79 16.70
CA LEU E 70 28.67 -4.14 15.31
C LEU E 70 27.60 -3.52 14.41
N GLY E 71 26.40 -3.34 14.96
CA GLY E 71 25.33 -2.73 14.20
C GLY E 71 25.58 -1.25 13.96
N LEU E 72 25.10 -0.79 12.81
CA LEU E 72 25.28 0.59 12.38
C LEU E 72 23.93 1.21 12.09
N THR E 73 23.66 2.37 12.69
CA THR E 73 22.46 3.13 12.36
C THR E 73 22.74 4.61 12.60
N PHE E 74 22.34 5.44 11.65
CA PHE E 74 22.47 6.89 11.75
C PHE E 74 21.15 7.51 11.36
N ARG E 75 20.65 8.41 12.21
CA ARG E 75 19.27 8.83 12.09
C ARG E 75 19.09 10.27 12.50
N LYS E 76 17.96 10.84 12.11
CA LYS E 76 17.53 12.16 12.53
C LYS E 76 16.32 12.01 13.44
N ASP E 77 16.24 12.86 14.46
CA ASP E 77 15.08 12.93 15.33
C ASP E 77 14.46 14.31 15.22
N LEU E 78 13.22 14.36 14.74
CA LEU E 78 12.49 15.61 14.62
C LEU E 78 11.39 15.62 15.68
N PHE E 79 11.38 16.66 16.51
CA PHE E 79 10.67 16.66 17.78
C PHE E 79 9.63 17.77 17.79
N VAL E 80 8.38 17.41 18.09
CA VAL E 80 7.29 18.36 18.20
C VAL E 80 6.52 18.04 19.48
N ALA E 81 6.30 19.06 20.30
CA ALA E 81 5.62 18.91 21.59
C ALA E 81 4.29 19.64 21.53
N ASN E 82 3.20 18.88 21.56
CA ASN E 82 1.86 19.46 21.52
C ASN E 82 1.44 19.96 22.90
N PRO E 95 -1.65 27.41 11.18
CA PRO E 95 -2.87 27.24 10.39
C PRO E 95 -3.26 25.77 10.25
N LEU E 96 -4.42 25.42 10.81
CA LEU E 96 -4.88 24.04 10.75
C LEU E 96 -5.33 23.69 9.34
N THR E 97 -4.96 22.49 8.89
CA THR E 97 -5.38 22.04 7.57
C THR E 97 -6.82 21.54 7.61
N ARG E 98 -7.36 21.27 6.43
CA ARG E 98 -8.75 20.80 6.33
C ARG E 98 -8.92 19.45 7.02
N LEU E 99 -8.01 18.52 6.76
CA LEU E 99 -8.11 17.20 7.38
C LEU E 99 -7.96 17.29 8.89
N GLN E 100 -7.03 18.12 9.36
CA GLN E 100 -6.82 18.24 10.81
C GLN E 100 -8.02 18.87 11.49
N GLU E 101 -8.65 19.87 10.87
CA GLU E 101 -9.83 20.46 11.51
C GLU E 101 -11.03 19.53 11.42
N ARG E 102 -11.13 18.71 10.36
CA ARG E 102 -12.16 17.68 10.34
C ARG E 102 -11.95 16.67 11.47
N LEU E 103 -10.70 16.26 11.70
CA LEU E 103 -10.42 15.33 12.79
C LEU E 103 -10.72 15.97 14.15
N ILE E 104 -10.40 17.25 14.30
CA ILE E 104 -10.73 17.94 15.55
C ILE E 104 -12.24 17.97 15.76
N LYS E 105 -12.99 18.21 14.69
CA LYS E 105 -14.45 18.22 14.80
C LYS E 105 -15.01 16.85 15.16
N LYS E 106 -14.39 15.79 14.63
CA LYS E 106 -14.93 14.44 14.85
C LYS E 106 -14.54 13.89 16.23
N LEU E 107 -13.23 13.85 16.52
CA LEU E 107 -12.76 13.20 17.74
C LEU E 107 -13.22 13.94 18.99
N GLY E 108 -13.00 15.24 19.03
CA GLY E 108 -13.38 16.00 20.20
C GLY E 108 -12.40 17.11 20.53
N GLU E 109 -12.37 17.51 21.80
CA GLU E 109 -11.48 18.58 22.23
C GLU E 109 -10.11 18.07 22.64
N HIS E 110 -10.03 16.82 23.11
CA HIS E 110 -8.79 16.25 23.62
C HIS E 110 -7.90 15.69 22.52
N ALA E 111 -8.04 16.14 21.29
CA ALA E 111 -7.16 15.75 20.20
C ALA E 111 -6.20 16.89 19.88
N TYR E 112 -4.90 16.60 19.90
CA TYR E 112 -3.88 17.61 19.70
C TYR E 112 -3.18 17.40 18.36
N PRO E 113 -3.29 18.33 17.42
CA PRO E 113 -2.74 18.10 16.09
C PRO E 113 -1.24 18.35 16.01
N PHE E 114 -0.60 17.63 15.09
CA PHE E 114 0.82 17.78 14.80
C PHE E 114 1.01 17.80 13.30
N THR E 115 2.09 18.43 12.86
CA THR E 115 2.40 18.50 11.43
C THR E 115 3.90 18.54 11.23
N PHE E 116 4.40 17.66 10.37
CA PHE E 116 5.82 17.61 10.01
C PHE E 116 5.96 17.95 8.54
N GLU E 117 6.83 18.90 8.24
CA GLU E 117 7.12 19.28 6.85
C GLU E 117 8.55 18.83 6.56
N ILE E 118 8.69 17.57 6.14
CA ILE E 118 10.02 17.02 5.88
C ILE E 118 10.59 17.65 4.62
N CYS E 119 11.92 17.78 4.60
CA CYS E 119 12.59 18.52 3.54
C CYS E 119 12.41 17.84 2.19
N PRO E 120 12.42 18.61 1.11
CA PRO E 120 12.33 17.99 -0.23
C PRO E 120 13.47 17.03 -0.52
N ASN E 121 14.68 17.32 -0.04
CA ASN E 121 15.82 16.44 -0.21
C ASN E 121 15.99 15.62 1.07
N LEU E 122 15.82 14.32 0.95
CA LEU E 122 15.89 13.36 2.05
C LEU E 122 15.84 11.98 1.42
N PRO E 123 16.42 10.96 2.05
CA PRO E 123 16.39 9.62 1.46
C PRO E 123 14.97 9.13 1.27
N SER E 124 14.73 8.43 0.17
CA SER E 124 13.46 7.80 -0.08
C SER E 124 13.44 6.41 0.55
N SER E 125 12.24 5.91 0.81
CA SER E 125 12.09 4.62 1.47
C SER E 125 12.58 3.51 0.56
N VAL E 126 13.75 2.94 0.89
CA VAL E 126 14.33 1.84 0.15
C VAL E 126 14.85 0.82 1.16
N THR E 127 14.45 -0.44 1.01
CA THR E 127 14.88 -1.51 1.90
C THR E 127 15.68 -2.54 1.12
N LEU E 128 16.85 -2.89 1.62
CA LEU E 128 17.70 -3.88 0.98
C LEU E 128 17.13 -5.27 1.22
N GLN E 129 17.23 -6.12 0.22
CA GLN E 129 16.69 -7.47 0.32
C GLN E 129 17.48 -8.28 1.33
N PRO E 130 16.83 -8.90 2.31
CA PRO E 130 17.57 -9.67 3.31
C PRO E 130 17.92 -11.06 2.82
N GLY E 131 19.11 -11.51 3.19
CA GLY E 131 19.54 -12.86 2.87
C GLY E 131 18.95 -13.87 3.83
N PRO E 132 19.23 -15.15 3.56
CA PRO E 132 18.73 -16.21 4.44
C PRO E 132 19.27 -16.13 5.85
N GLU E 133 20.43 -15.50 6.06
CA GLU E 133 21.04 -15.42 7.39
C GLU E 133 20.60 -14.20 8.17
N ASP E 134 20.24 -13.11 7.49
CA ASP E 134 19.87 -11.89 8.18
C ASP E 134 18.57 -12.06 8.93
N THR E 135 18.49 -11.45 10.11
CA THR E 135 17.30 -11.45 10.95
C THR E 135 17.03 -10.02 11.43
N GLY E 136 15.89 -9.85 12.08
CA GLY E 136 15.53 -8.52 12.55
C GLY E 136 15.08 -7.63 11.40
N LYS E 137 15.19 -6.32 11.64
CA LYS E 137 14.78 -5.34 10.65
C LYS E 137 15.70 -5.40 9.43
N ALA E 138 15.10 -5.25 8.25
CA ALA E 138 15.87 -5.25 7.01
C ALA E 138 16.65 -3.95 6.87
N LEU E 139 17.84 -4.05 6.28
CA LEU E 139 18.67 -2.88 6.06
C LEU E 139 18.02 -1.97 5.03
N GLY E 140 18.21 -0.67 5.20
CA GLY E 140 17.66 0.30 4.28
C GLY E 140 17.29 1.59 4.99
N VAL E 141 16.39 2.34 4.38
CA VAL E 141 15.92 3.62 4.89
C VAL E 141 14.43 3.54 5.10
N ASP E 142 13.96 3.99 6.27
CA ASP E 142 12.53 3.99 6.56
C ASP E 142 12.23 5.12 7.53
N TYR E 143 10.95 5.50 7.55
CA TYR E 143 10.46 6.57 8.42
C TYR E 143 9.49 5.97 9.44
N GLU E 144 9.55 6.49 10.67
CA GLU E 144 8.70 5.99 11.74
C GLU E 144 8.14 7.16 12.54
N VAL E 145 6.83 7.19 12.71
CA VAL E 145 6.16 8.21 13.50
C VAL E 145 5.89 7.64 14.88
N LYS E 146 6.35 8.33 15.91
CA LYS E 146 6.21 7.87 17.28
C LYS E 146 5.56 8.95 18.12
N ALA E 147 4.64 8.55 19.00
CA ALA E 147 3.98 9.48 19.90
C ALA E 147 3.85 8.85 21.27
N PHE E 148 4.13 9.63 22.31
CA PHE E 148 4.11 9.09 23.66
C PHE E 148 3.78 10.20 24.65
N VAL E 149 3.40 9.79 25.85
CA VAL E 149 3.13 10.69 26.96
C VAL E 149 4.16 10.41 28.05
N ALA E 150 4.87 11.46 28.46
CA ALA E 150 5.89 11.32 29.49
C ALA E 150 5.88 12.55 30.40
N GLU E 151 6.36 12.34 31.62
CA GLU E 151 6.46 13.44 32.57
C GLU E 151 7.41 14.52 32.06
N ASN E 152 8.53 14.11 31.47
CA ASN E 152 9.48 15.01 30.83
C ASN E 152 10.35 14.16 29.91
N LEU E 153 11.38 14.79 29.34
CA LEU E 153 12.20 14.09 28.35
C LEU E 153 13.00 12.96 28.97
N GLU E 154 13.61 13.18 30.14
CA GLU E 154 14.55 12.21 30.68
C GLU E 154 13.88 10.92 31.11
N GLU E 155 12.57 10.93 31.37
CA GLU E 155 11.88 9.71 31.77
C GLU E 155 11.88 8.71 30.63
N LYS E 156 12.20 7.45 30.94
CA LYS E 156 12.19 6.40 29.94
C LYS E 156 10.77 6.05 29.55
N ILE E 157 10.57 5.79 28.26
CA ILE E 157 9.25 5.44 27.72
C ILE E 157 9.34 4.01 27.19
N HIS E 158 8.50 3.14 27.72
CA HIS E 158 8.49 1.74 27.28
C HIS E 158 7.72 1.61 25.97
N LYS E 159 7.86 0.43 25.35
CA LYS E 159 7.09 0.16 24.14
C LYS E 159 5.60 -0.01 24.44
N ARG E 160 5.24 -0.15 25.72
CA ARG E 160 3.83 -0.33 26.08
C ARG E 160 3.08 0.99 26.13
N ASN E 161 3.77 2.10 26.34
CA ASN E 161 3.14 3.38 26.56
C ASN E 161 3.31 4.34 25.38
N SER E 162 3.65 3.85 24.20
CA SER E 162 3.85 4.70 23.04
C SER E 162 3.30 4.02 21.79
N VAL E 163 3.00 4.83 20.79
CA VAL E 163 2.47 4.36 19.52
C VAL E 163 3.55 4.51 18.46
N ARG E 164 3.88 3.42 17.80
CA ARG E 164 4.90 3.40 16.76
C ARG E 164 4.24 3.05 15.44
N LEU E 165 4.40 3.92 14.44
CA LEU E 165 3.76 3.72 13.15
C LEU E 165 4.77 4.06 12.06
N VAL E 166 4.73 3.34 10.95
CA VAL E 166 5.71 3.43 9.89
C VAL E 166 5.07 4.07 8.67
N ILE E 167 5.66 5.17 8.19
CA ILE E 167 5.21 5.84 6.97
C ILE E 167 6.29 5.71 5.91
N ARG E 168 6.02 6.22 4.71
CA ARG E 168 6.93 6.07 3.58
C ARG E 168 6.97 7.34 2.76
N LYS E 169 8.03 7.48 1.98
CA LYS E 169 8.21 8.59 1.05
C LYS E 169 8.48 8.01 -0.33
N VAL E 170 7.67 8.41 -1.32
CA VAL E 170 7.73 7.82 -2.65
C VAL E 170 7.75 8.91 -3.71
N GLN E 171 8.22 8.53 -4.89
CA GLN E 171 8.21 9.38 -6.07
C GLN E 171 7.58 8.61 -7.23
N TYR E 172 7.09 9.36 -8.22
CA TYR E 172 6.40 8.77 -9.35
C TYR E 172 7.02 9.28 -10.65
N ALA E 173 6.64 8.64 -11.75
CA ALA E 173 7.29 8.91 -13.03
C ALA E 173 7.05 10.34 -13.48
N PRO E 174 8.03 10.99 -14.09
CA PRO E 174 7.83 12.35 -14.59
C PRO E 174 6.79 12.40 -15.70
N GLU E 175 6.11 13.54 -15.80
CA GLU E 175 5.09 13.71 -16.84
C GLU E 175 5.71 13.72 -18.23
N ARG E 176 6.81 14.43 -18.40
CA ARG E 176 7.42 14.59 -19.72
C ARG E 176 8.56 13.61 -19.89
N PRO E 177 8.46 12.62 -20.78
CA PRO E 177 9.57 11.70 -20.99
C PRO E 177 10.77 12.39 -21.62
N GLY E 178 11.95 11.85 -21.34
CA GLY E 178 13.17 12.42 -21.85
C GLY E 178 13.50 11.92 -23.25
N PRO E 179 14.67 12.30 -23.75
CA PRO E 179 15.08 11.85 -25.09
C PRO E 179 15.37 10.37 -25.12
N GLN E 180 15.24 9.79 -26.31
CA GLN E 180 15.47 8.37 -26.47
C GLN E 180 16.93 8.04 -26.17
N PRO E 181 17.22 7.09 -25.29
CA PRO E 181 18.61 6.72 -25.02
C PRO E 181 19.29 6.15 -26.26
N THR E 182 20.57 6.47 -26.40
CA THR E 182 21.39 6.01 -27.52
C THR E 182 22.85 6.08 -27.12
N ALA E 183 23.65 5.13 -27.59
CA ALA E 183 25.08 5.12 -27.31
C ALA E 183 25.78 4.25 -28.34
N GLU E 184 26.80 4.81 -28.99
CA GLU E 184 27.57 4.10 -30.00
C GLU E 184 29.05 4.22 -29.67
N THR E 185 29.83 3.26 -30.16
CA THR E 185 31.27 3.23 -29.92
C THR E 185 31.95 2.59 -31.10
N THR E 186 33.27 2.80 -31.19
CA THR E 186 34.09 2.19 -32.24
C THR E 186 35.36 1.63 -31.62
N ARG E 187 35.68 0.38 -31.96
CA ARG E 187 36.91 -0.26 -31.52
C ARG E 187 37.73 -0.65 -32.74
N GLN E 188 38.99 -0.23 -32.75
CA GLN E 188 39.90 -0.48 -33.87
C GLN E 188 40.95 -1.49 -33.41
N PHE E 189 40.95 -2.67 -34.02
CA PHE E 189 41.85 -3.73 -33.62
C PHE E 189 43.25 -3.52 -34.22
N LEU E 190 44.20 -4.29 -33.69
CA LEU E 190 45.61 -4.04 -34.02
C LEU E 190 45.92 -4.36 -35.47
N MET E 191 45.54 -5.54 -35.96
CA MET E 191 45.92 -5.96 -37.30
C MET E 191 44.83 -5.60 -38.30
N SER E 192 43.77 -4.93 -37.85
CA SER E 192 42.66 -4.55 -38.72
C SER E 192 42.73 -3.05 -39.01
N ASP E 193 42.70 -2.71 -40.30
CA ASP E 193 42.72 -1.31 -40.68
C ASP E 193 41.41 -0.63 -40.32
N LYS E 194 40.30 -1.12 -40.86
CA LYS E 194 39.00 -0.52 -40.61
C LYS E 194 38.52 -0.87 -39.20
N PRO E 195 37.69 -0.04 -38.59
CA PRO E 195 37.22 -0.30 -37.22
C PRO E 195 35.89 -1.03 -37.20
N LEU E 196 35.59 -1.59 -36.03
CA LEU E 196 34.34 -2.30 -35.77
C LEU E 196 33.38 -1.33 -35.09
N HIS E 197 32.19 -1.18 -35.65
CA HIS E 197 31.23 -0.17 -35.22
C HIS E 197 30.06 -0.84 -34.53
N LEU E 198 29.66 -0.30 -33.38
CA LEU E 198 28.50 -0.79 -32.64
C LEU E 198 27.56 0.36 -32.34
N GLU E 199 26.27 0.09 -32.42
CA GLU E 199 25.24 1.06 -32.06
C GLU E 199 24.13 0.34 -31.32
N ALA E 200 23.43 1.08 -30.47
CA ALA E 200 22.29 0.53 -29.74
C ALA E 200 21.39 1.68 -29.33
N SER E 201 20.13 1.35 -29.05
CA SER E 201 19.16 2.37 -28.69
C SER E 201 17.93 1.72 -28.08
N LEU E 202 17.50 2.24 -26.93
CA LEU E 202 16.27 1.78 -26.32
C LEU E 202 15.07 2.42 -27.03
N ASP E 203 13.90 1.83 -26.82
CA ASP E 203 12.68 2.37 -27.42
C ASP E 203 12.33 3.73 -26.82
N LYS E 204 12.42 3.85 -25.50
CA LYS E 204 12.06 5.10 -24.82
C LYS E 204 12.92 5.22 -23.57
N GLU E 205 12.70 6.31 -22.82
CA GLU E 205 13.48 6.55 -21.61
C GLU E 205 12.79 6.01 -20.37
N ILE E 206 11.59 6.49 -20.08
CA ILE E 206 10.89 6.12 -18.86
C ILE E 206 10.14 4.81 -19.10
N TYR E 207 10.53 3.76 -18.35
CA TYR E 207 9.87 2.47 -18.41
C TYR E 207 9.18 2.20 -17.09
N TYR E 208 7.99 1.61 -17.15
CA TYR E 208 7.26 1.27 -15.95
C TYR E 208 7.72 -0.09 -15.42
N HIS E 209 7.18 -0.50 -14.29
CA HIS E 209 7.57 -1.76 -13.68
C HIS E 209 6.90 -2.92 -14.42
N GLY E 210 7.70 -3.84 -14.93
CA GLY E 210 7.20 -4.95 -15.70
C GLY E 210 7.12 -4.71 -17.20
N GLU E 211 7.25 -3.47 -17.64
CA GLU E 211 7.20 -3.18 -19.07
C GLU E 211 8.48 -3.67 -19.74
N PRO E 212 8.40 -4.39 -20.85
CA PRO E 212 9.62 -4.92 -21.48
C PRO E 212 10.48 -3.82 -22.06
N ILE E 213 11.79 -4.08 -22.05
CA ILE E 213 12.79 -3.17 -22.63
C ILE E 213 13.28 -3.78 -23.92
N SER E 214 13.23 -3.01 -25.00
CA SER E 214 13.59 -3.49 -26.34
C SER E 214 14.84 -2.75 -26.80
N VAL E 215 15.99 -3.41 -26.69
CA VAL E 215 17.26 -2.85 -27.14
C VAL E 215 17.47 -3.21 -28.60
N ASN E 216 17.76 -2.22 -29.42
CA ASN E 216 17.90 -2.40 -30.86
C ASN E 216 19.39 -2.31 -31.16
N VAL E 217 20.02 -3.47 -31.31
CA VAL E 217 21.47 -3.58 -31.50
C VAL E 217 21.77 -3.67 -32.98
N HIS E 218 22.69 -2.84 -33.46
CA HIS E 218 23.07 -2.81 -34.87
C HIS E 218 24.58 -2.63 -34.95
N VAL E 219 25.28 -3.67 -35.39
CA VAL E 219 26.74 -3.71 -35.42
C VAL E 219 27.20 -3.97 -36.85
N THR E 220 28.12 -3.13 -37.34
CA THR E 220 28.70 -3.27 -38.66
C THR E 220 30.18 -3.56 -38.53
N ASN E 221 30.59 -4.77 -38.91
CA ASN E 221 31.96 -5.22 -38.77
C ASN E 221 32.67 -5.11 -40.10
N ASN E 222 33.72 -4.29 -40.14
CA ASN E 222 34.58 -4.15 -41.31
C ASN E 222 35.96 -4.71 -41.07
N THR E 223 36.24 -5.22 -39.88
CA THR E 223 37.57 -5.73 -39.54
C THR E 223 37.74 -7.15 -40.05
N ASN E 224 38.83 -7.79 -39.66
CA ASN E 224 39.12 -9.17 -40.01
C ASN E 224 38.93 -10.13 -38.84
N LYS E 225 38.21 -9.70 -37.80
CA LYS E 225 37.92 -10.55 -36.66
C LYS E 225 36.41 -10.71 -36.53
N THR E 226 35.96 -11.95 -36.35
CA THR E 226 34.55 -12.21 -36.21
C THR E 226 34.08 -11.87 -34.80
N VAL E 227 32.76 -11.98 -34.59
CA VAL E 227 32.13 -11.78 -33.30
C VAL E 227 31.31 -13.01 -32.98
N LYS E 228 31.47 -13.54 -31.77
CA LYS E 228 30.88 -14.83 -31.40
C LYS E 228 29.53 -14.69 -30.74
N LYS E 229 29.45 -14.00 -29.61
CA LYS E 229 28.23 -13.91 -28.82
C LYS E 229 27.92 -12.47 -28.49
N ILE E 230 26.63 -12.16 -28.40
CA ILE E 230 26.15 -10.84 -28.00
C ILE E 230 25.43 -11.01 -26.68
N LYS E 231 25.92 -10.32 -25.65
CA LYS E 231 25.38 -10.40 -24.30
C LYS E 231 24.70 -9.08 -23.95
N ILE E 232 23.43 -9.15 -23.56
CA ILE E 232 22.66 -7.98 -23.17
C ILE E 232 22.15 -8.20 -21.75
N SER E 233 22.35 -7.20 -20.89
CA SER E 233 21.99 -7.33 -19.48
C SER E 233 21.50 -6.00 -18.95
N VAL E 234 20.50 -6.05 -18.08
CA VAL E 234 19.99 -4.88 -17.38
C VAL E 234 20.57 -4.90 -15.97
N ARG E 235 21.26 -3.83 -15.60
CA ARG E 235 21.98 -3.79 -14.33
C ARG E 235 21.39 -2.70 -13.43
N GLN E 236 21.50 -2.91 -12.12
CA GLN E 236 21.03 -1.95 -11.13
C GLN E 236 22.22 -1.44 -10.34
N TYR E 237 22.36 -0.12 -10.26
CA TYR E 237 23.49 0.53 -9.59
C TYR E 237 22.99 1.13 -8.28
N ALA E 238 23.16 0.40 -7.19
CA ALA E 238 22.81 0.90 -5.86
C ALA E 238 24.00 1.68 -5.33
N ASP E 239 23.86 3.01 -5.27
CA ASP E 239 24.94 3.89 -4.84
C ASP E 239 24.69 4.30 -3.40
N ILE E 240 25.47 3.74 -2.48
CA ILE E 240 25.38 4.06 -1.06
C ILE E 240 26.45 5.09 -0.76
N VAL E 241 26.02 6.27 -0.31
CA VAL E 241 26.95 7.39 -0.15
C VAL E 241 27.61 7.43 1.22
N LEU E 242 27.16 6.61 2.17
CA LEU E 242 27.80 6.58 3.48
C LEU E 242 29.12 5.83 3.45
N PHE E 243 29.24 4.82 2.58
CA PHE E 243 30.42 3.98 2.52
C PHE E 243 31.44 4.53 1.53
N ASN E 244 31.81 5.79 1.72
CA ASN E 244 32.77 6.48 0.86
C ASN E 244 32.37 6.39 -0.60
N THR E 245 31.07 6.59 -0.85
CA THR E 245 30.48 6.57 -2.19
C THR E 245 30.81 5.28 -2.92
N ALA E 246 30.73 4.16 -2.21
CA ALA E 246 30.89 2.85 -2.83
C ALA E 246 29.68 2.54 -3.69
N GLN E 247 29.92 1.96 -4.87
CA GLN E 247 28.87 1.67 -5.84
C GLN E 247 28.78 0.17 -6.08
N TYR E 248 27.56 -0.36 -6.00
CA TYR E 248 27.30 -1.79 -6.18
C TYR E 248 26.41 -1.97 -7.40
N LYS E 249 26.76 -2.90 -8.27
CA LYS E 249 25.99 -3.20 -9.46
C LYS E 249 25.71 -4.70 -9.53
N VAL E 250 24.43 -5.06 -9.65
CA VAL E 250 24.04 -6.46 -9.74
C VAL E 250 23.10 -6.63 -10.93
N PRO E 251 23.33 -7.60 -11.82
CA PRO E 251 22.43 -7.80 -12.95
C PRO E 251 21.04 -8.23 -12.50
N VAL E 252 20.04 -7.83 -13.27
CA VAL E 252 18.65 -8.10 -12.92
C VAL E 252 18.00 -8.91 -14.04
N ALA E 253 18.49 -8.75 -15.26
CA ALA E 253 18.00 -9.52 -16.39
C ALA E 253 19.14 -9.76 -17.35
N MET E 254 19.21 -10.96 -17.92
CA MET E 254 20.29 -11.33 -18.82
C MET E 254 19.71 -12.04 -20.03
N GLU E 255 20.17 -11.63 -21.21
CA GLU E 255 19.77 -12.25 -22.47
C GLU E 255 21.02 -12.48 -23.30
N GLU E 256 21.37 -13.74 -23.52
CA GLU E 256 22.58 -14.11 -24.26
C GLU E 256 22.18 -14.84 -25.53
N ALA E 257 22.74 -14.42 -26.66
CA ALA E 257 22.45 -15.03 -27.94
C ALA E 257 23.74 -15.29 -28.69
N ASP E 258 23.73 -16.32 -29.53
CA ASP E 258 24.89 -16.63 -30.37
C ASP E 258 24.70 -16.01 -31.76
N ASP E 259 24.70 -14.68 -31.77
CA ASP E 259 24.51 -13.90 -33.00
C ASP E 259 25.86 -13.57 -33.59
N THR E 260 26.38 -14.46 -34.43
CA THR E 260 27.67 -14.24 -35.06
C THR E 260 27.54 -13.31 -36.26
N VAL E 261 28.48 -12.39 -36.40
CA VAL E 261 28.58 -11.52 -37.56
C VAL E 261 29.94 -11.77 -38.23
N ALA E 262 29.89 -12.15 -39.50
CA ALA E 262 31.11 -12.45 -40.23
C ALA E 262 31.87 -11.16 -40.56
N PRO E 263 33.16 -11.26 -40.86
CA PRO E 263 33.92 -10.06 -41.23
C PRO E 263 33.38 -9.41 -42.49
N SER E 264 33.55 -8.10 -42.58
CA SER E 264 33.09 -7.29 -43.71
C SER E 264 31.59 -7.48 -43.94
N SER E 265 30.83 -7.51 -42.86
CA SER E 265 29.39 -7.76 -42.95
C SER E 265 28.66 -6.99 -41.88
N THR E 266 27.34 -6.88 -42.05
CA THR E 266 26.48 -6.06 -41.20
C THR E 266 25.41 -6.93 -40.55
N PHE E 267 25.08 -6.62 -39.31
CA PHE E 267 24.08 -7.36 -38.54
C PHE E 267 23.11 -6.37 -37.92
N SER E 268 21.89 -6.83 -37.66
CA SER E 268 20.88 -5.98 -37.02
C SER E 268 19.78 -6.84 -36.45
N LYS E 269 19.55 -6.73 -35.14
CA LYS E 269 18.52 -7.50 -34.47
C LYS E 269 17.99 -6.69 -33.29
N VAL E 270 16.79 -7.03 -32.83
CA VAL E 270 16.13 -6.35 -31.72
C VAL E 270 15.90 -7.36 -30.61
N TYR E 271 16.40 -7.05 -29.42
CA TYR E 271 16.29 -7.94 -28.27
C TYR E 271 15.35 -7.35 -27.24
N THR E 272 14.65 -8.22 -26.52
CA THR E 272 13.67 -7.81 -25.53
C THR E 272 14.02 -8.40 -24.16
N LEU E 273 13.94 -7.56 -23.13
CA LEU E 273 14.21 -7.98 -21.76
C LEU E 273 13.13 -7.43 -20.85
N THR E 274 12.99 -8.06 -19.68
CA THR E 274 12.04 -7.58 -18.68
C THR E 274 12.52 -7.93 -17.28
N PRO E 275 13.00 -6.96 -16.51
CA PRO E 275 13.43 -7.26 -15.14
C PRO E 275 12.24 -7.52 -14.24
N PHE E 276 12.36 -8.55 -13.40
CA PHE E 276 11.32 -8.89 -12.45
C PHE E 276 11.96 -9.57 -11.24
N LEU E 277 11.14 -9.84 -10.24
CA LEU E 277 11.64 -10.30 -8.95
C LEU E 277 11.64 -11.82 -8.78
N ALA E 278 10.81 -12.54 -9.54
CA ALA E 278 10.70 -13.97 -9.35
C ALA E 278 12.00 -14.70 -9.65
N ASN E 279 12.94 -14.06 -10.33
CA ASN E 279 14.22 -14.67 -10.68
C ASN E 279 15.36 -14.24 -9.78
N ASN E 280 15.27 -13.04 -9.17
CA ASN E 280 16.36 -12.46 -8.40
C ASN E 280 16.16 -12.59 -6.90
N ARG E 281 15.40 -13.59 -6.44
CA ARG E 281 15.19 -13.73 -5.01
C ARG E 281 16.42 -14.19 -4.26
N GLU E 282 17.37 -14.83 -4.95
CA GLU E 282 18.55 -15.38 -4.30
C GLU E 282 19.68 -14.37 -4.18
N LYS E 283 19.50 -13.15 -4.66
CA LYS E 283 20.57 -12.15 -4.65
C LYS E 283 20.53 -11.36 -3.34
N ARG E 284 21.70 -11.27 -2.70
CA ARG E 284 21.85 -10.49 -1.47
C ARG E 284 22.16 -9.04 -1.82
N GLY E 285 21.59 -8.12 -1.06
CA GLY E 285 21.87 -6.72 -1.25
C GLY E 285 21.11 -6.06 -2.37
N LEU E 286 20.06 -6.67 -2.89
CA LEU E 286 19.22 -6.03 -3.88
C LEU E 286 18.54 -4.81 -3.26
N ALA E 287 18.06 -3.92 -4.12
CA ALA E 287 17.34 -2.73 -3.70
C ALA E 287 15.88 -2.88 -4.08
N LEU E 288 15.00 -2.83 -3.08
CA LEU E 288 13.57 -2.95 -3.28
C LEU E 288 12.86 -1.71 -2.74
N ASP E 289 11.63 -1.50 -3.18
CA ASP E 289 10.86 -0.37 -2.68
C ASP E 289 10.54 -0.57 -1.20
N GLY E 290 10.27 0.53 -0.52
CA GLY E 290 10.14 0.48 0.92
C GLY E 290 9.00 -0.41 1.38
N LYS E 291 9.19 -1.04 2.52
CA LYS E 291 8.23 -1.97 3.10
C LYS E 291 7.71 -1.43 4.43
N LEU E 292 6.40 -1.62 4.67
CA LEU E 292 5.85 -1.29 5.98
C LEU E 292 6.24 -2.32 7.02
N LYS E 293 6.37 -3.58 6.62
CA LYS E 293 6.77 -4.67 7.50
C LYS E 293 7.39 -5.75 6.63
N HIS E 294 7.57 -6.94 7.20
CA HIS E 294 8.03 -8.07 6.39
C HIS E 294 7.01 -8.37 5.30
N GLU E 295 7.37 -8.07 4.06
CA GLU E 295 6.41 -8.08 2.96
C GLU E 295 7.16 -8.28 1.66
N ASP E 296 6.41 -8.50 0.59
CA ASP E 296 6.98 -8.67 -0.74
C ASP E 296 6.78 -7.37 -1.52
N THR E 297 7.87 -6.82 -2.03
CA THR E 297 7.84 -5.53 -2.70
C THR E 297 8.71 -5.61 -3.96
N ASN E 298 8.38 -4.78 -4.94
CA ASN E 298 9.02 -4.84 -6.24
C ASN E 298 10.44 -4.26 -6.16
N LEU E 299 11.10 -4.22 -7.31
CA LEU E 299 12.44 -3.66 -7.38
C LEU E 299 12.40 -2.15 -7.17
N ALA E 300 13.51 -1.61 -6.67
CA ALA E 300 13.56 -0.20 -6.30
C ALA E 300 13.45 0.69 -7.53
N SER E 301 12.56 1.67 -7.46
CA SER E 301 12.39 2.62 -8.55
C SER E 301 13.53 3.64 -8.52
N SER E 302 13.85 4.18 -9.70
CA SER E 302 14.91 5.16 -9.80
C SER E 302 14.58 6.40 -8.97
N THR E 303 15.63 6.99 -8.40
CA THR E 303 15.48 8.19 -7.60
C THR E 303 15.61 9.43 -8.48
N LEU E 304 14.64 10.33 -8.36
CA LEU E 304 14.69 11.60 -9.07
C LEU E 304 15.42 12.62 -8.20
N LEU E 305 16.46 13.22 -8.75
CA LEU E 305 17.31 14.16 -8.01
C LEU E 305 17.21 15.54 -8.64
N ARG E 306 17.20 16.56 -7.79
CA ARG E 306 17.17 17.93 -8.27
C ARG E 306 18.50 18.28 -8.94
N GLU E 307 18.48 19.35 -9.73
CA GLU E 307 19.68 19.77 -10.44
C GLU E 307 20.77 20.19 -9.45
N GLY E 308 21.95 19.62 -9.63
CA GLY E 308 23.07 19.91 -8.74
C GLY E 308 22.80 19.56 -7.29
N ALA E 309 22.07 18.47 -7.05
CA ALA E 309 21.69 18.11 -5.69
C ALA E 309 22.89 17.65 -4.90
N ASN E 310 23.00 18.14 -3.67
CA ASN E 310 24.08 17.70 -2.78
C ASN E 310 23.86 16.25 -2.35
N ARG E 311 24.96 15.55 -2.13
CA ARG E 311 24.91 14.13 -1.78
C ARG E 311 24.69 14.01 -0.28
N GLU E 312 23.42 13.93 0.12
CA GLU E 312 23.09 13.74 1.53
C GLU E 312 23.49 12.35 1.99
N ILE E 313 23.93 12.26 3.24
CA ILE E 313 24.55 11.04 3.73
C ILE E 313 23.52 9.91 3.88
N LEU E 314 22.35 10.21 4.41
CA LEU E 314 21.32 9.18 4.53
C LEU E 314 20.72 8.91 3.16
N GLY E 315 20.77 7.65 2.73
CA GLY E 315 20.10 7.28 1.51
C GLY E 315 20.88 6.44 0.52
N ILE E 316 20.16 5.63 -0.24
CA ILE E 316 20.72 4.80 -1.29
C ILE E 316 20.12 5.26 -2.62
N ILE E 317 20.98 5.63 -3.57
CA ILE E 317 20.56 6.11 -4.87
C ILE E 317 20.67 4.96 -5.86
N VAL E 318 19.57 4.63 -6.51
CA VAL E 318 19.50 3.50 -7.44
C VAL E 318 19.24 4.02 -8.84
N SER E 319 19.98 3.49 -9.81
CA SER E 319 19.81 3.82 -11.21
C SER E 319 20.03 2.56 -12.03
N TYR E 320 19.45 2.53 -13.22
CA TYR E 320 19.50 1.35 -14.07
C TYR E 320 20.19 1.67 -15.39
N LYS E 321 20.88 0.66 -15.93
CA LYS E 321 21.63 0.81 -17.17
C LYS E 321 21.61 -0.52 -17.91
N VAL E 322 21.43 -0.45 -19.23
CA VAL E 322 21.48 -1.63 -20.10
C VAL E 322 22.86 -1.70 -20.72
N LYS E 323 23.47 -2.88 -20.69
CA LYS E 323 24.79 -3.10 -21.27
C LYS E 323 24.67 -4.01 -22.49
N VAL E 324 25.46 -3.72 -23.50
CA VAL E 324 25.58 -4.56 -24.69
C VAL E 324 27.04 -4.96 -24.83
N LYS E 325 27.29 -6.23 -25.10
CA LYS E 325 28.65 -6.75 -25.16
C LYS E 325 28.79 -7.73 -26.31
N LEU E 326 29.85 -7.57 -27.09
CA LEU E 326 30.23 -8.53 -28.11
C LEU E 326 31.49 -9.25 -27.68
N VAL E 327 31.51 -10.57 -27.79
CA VAL E 327 32.67 -11.37 -27.43
C VAL E 327 33.43 -11.63 -28.72
N VAL E 328 34.35 -10.73 -29.06
CA VAL E 328 35.14 -10.88 -30.26
C VAL E 328 36.07 -12.08 -30.11
N SER E 329 36.15 -12.90 -31.15
CA SER E 329 36.96 -14.12 -31.14
C SER E 329 38.42 -13.86 -30.77
N SER E 340 39.50 -7.24 -25.56
CA SER E 340 39.06 -7.64 -26.90
C SER E 340 37.56 -7.49 -27.06
N ASP E 341 36.90 -6.97 -26.02
CA ASP E 341 35.45 -6.90 -25.98
C ASP E 341 34.97 -5.47 -26.22
N VAL E 342 33.83 -5.36 -26.90
CA VAL E 342 33.23 -4.08 -27.25
C VAL E 342 31.92 -3.94 -26.50
N ALA E 343 31.75 -2.82 -25.80
CA ALA E 343 30.58 -2.67 -24.93
C ALA E 343 30.13 -1.23 -24.86
N VAL E 344 28.83 -1.04 -24.61
CA VAL E 344 28.23 0.27 -24.40
C VAL E 344 27.24 0.18 -23.25
N GLU E 345 26.89 1.33 -22.69
CA GLU E 345 25.94 1.40 -21.58
C GLU E 345 24.84 2.38 -21.93
N LEU E 346 23.59 1.96 -21.76
CA LEU E 346 22.42 2.78 -22.10
C LEU E 346 21.60 3.06 -20.85
N PRO E 347 21.75 4.23 -20.23
CA PRO E 347 20.95 4.54 -19.04
C PRO E 347 19.48 4.73 -19.37
N PHE E 348 18.63 4.42 -18.39
CA PHE E 348 17.20 4.62 -18.52
C PHE E 348 16.60 4.77 -17.12
N THR E 349 15.29 4.98 -17.07
CA THR E 349 14.57 5.29 -15.84
C THR E 349 13.45 4.29 -15.62
N LEU E 350 13.37 3.73 -14.42
CA LEU E 350 12.38 2.72 -14.06
C LEU E 350 11.57 3.23 -12.88
N MET E 351 10.37 3.73 -13.13
CA MET E 351 9.53 4.30 -12.08
C MET E 351 8.08 3.92 -12.31
N HIS E 352 7.29 4.01 -11.24
CA HIS E 352 5.86 3.77 -11.27
C HIS E 352 5.14 4.96 -11.91
N PRO E 353 4.06 4.70 -12.65
CA PRO E 353 3.26 5.81 -13.18
C PRO E 353 2.49 6.52 -12.08
N LYS E 354 2.26 7.81 -12.29
CA LYS E 354 1.53 8.60 -11.32
C LYS E 354 0.03 8.29 -11.40
N PRO E 355 -0.63 7.98 -10.27
CA PRO E 355 -2.05 7.61 -10.27
C PRO E 355 -2.97 8.83 -10.20
N ILE F 3 -14.37 -15.34 3.90
CA ILE F 3 -15.26 -14.19 4.00
C ILE F 3 -16.54 -14.44 3.21
N GLN F 4 -17.68 -14.31 3.89
CA GLN F 4 -18.97 -14.40 3.25
C GLN F 4 -19.42 -13.03 2.79
N MET F 5 -19.98 -12.96 1.58
CA MET F 5 -20.41 -11.70 0.98
C MET F 5 -21.88 -11.89 0.57
N THR F 6 -22.79 -11.60 1.49
CA THR F 6 -24.21 -11.78 1.25
C THR F 6 -24.76 -10.57 0.50
N GLN F 7 -25.51 -10.83 -0.57
CA GLN F 7 -26.03 -9.78 -1.43
C GLN F 7 -27.55 -9.79 -1.41
N SER F 8 -28.15 -8.63 -1.21
CA SER F 8 -29.59 -8.46 -1.23
C SER F 8 -29.92 -7.18 -2.00
N PRO F 9 -31.04 -7.16 -2.73
CA PRO F 9 -32.01 -8.23 -2.95
C PRO F 9 -31.57 -9.24 -4.00
N SER F 10 -32.24 -10.38 -4.10
CA SER F 10 -31.91 -11.38 -5.10
C SER F 10 -32.56 -11.09 -6.45
N SER F 11 -33.51 -10.15 -6.51
CA SER F 11 -34.18 -9.79 -7.76
C SER F 11 -34.98 -8.53 -7.51
N LEU F 12 -34.98 -7.64 -8.50
CA LEU F 12 -35.76 -6.41 -8.47
C LEU F 12 -36.76 -6.38 -9.61
N SER F 13 -37.53 -5.30 -9.67
CA SER F 13 -38.42 -5.05 -10.80
C SER F 13 -38.63 -3.54 -10.87
N ALA F 14 -37.91 -2.89 -11.77
CA ALA F 14 -37.95 -1.44 -11.90
C ALA F 14 -38.20 -1.04 -13.34
N SER F 15 -39.03 -0.03 -13.55
CA SER F 15 -39.31 0.46 -14.88
C SER F 15 -38.09 1.20 -15.42
N VAL F 16 -38.25 1.75 -16.62
CA VAL F 16 -37.19 2.55 -17.24
C VAL F 16 -37.33 3.99 -16.78
N GLY F 17 -36.24 4.55 -16.27
CA GLY F 17 -36.25 5.88 -15.71
C GLY F 17 -36.39 5.95 -14.20
N ASP F 18 -36.26 4.83 -13.50
CA ASP F 18 -36.38 4.80 -12.06
C ASP F 18 -35.00 4.69 -11.42
N ARG F 19 -34.98 4.56 -10.11
CA ARG F 19 -33.75 4.44 -9.34
C ARG F 19 -33.73 3.10 -8.62
N VAL F 20 -32.61 2.40 -8.72
CA VAL F 20 -32.45 1.12 -8.04
C VAL F 20 -31.21 1.17 -7.17
N THR F 21 -31.19 0.34 -6.13
CA THR F 21 -30.07 0.28 -5.21
C THR F 21 -29.86 -1.16 -4.77
N ILE F 22 -28.62 -1.63 -4.86
CA ILE F 22 -28.27 -3.01 -4.56
C ILE F 22 -27.24 -3.00 -3.44
N THR F 23 -27.52 -3.71 -2.36
CA THR F 23 -26.66 -3.71 -1.18
C THR F 23 -25.87 -5.02 -1.12
N CYS F 24 -24.63 -4.92 -0.64
CA CYS F 24 -23.76 -6.08 -0.48
C CYS F 24 -22.98 -5.88 0.82
N ARG F 25 -23.23 -6.75 1.79
CA ARG F 25 -22.66 -6.62 3.12
C ARG F 25 -21.65 -7.72 3.38
N ALA F 26 -20.42 -7.33 3.72
CA ALA F 26 -19.36 -8.28 3.99
C ALA F 26 -19.53 -8.90 5.37
N SER F 27 -19.01 -10.12 5.53
CA SER F 27 -19.09 -10.79 6.83
C SER F 27 -18.16 -10.15 7.85
N GLN F 28 -16.94 -9.84 7.44
CA GLN F 28 -15.96 -9.19 8.29
C GLN F 28 -15.46 -7.90 7.60
N SER F 29 -14.56 -7.20 8.28
CA SER F 29 -14.00 -5.99 7.70
C SER F 29 -13.19 -6.34 6.46
N VAL F 30 -13.44 -5.60 5.38
CA VAL F 30 -12.80 -5.89 4.09
C VAL F 30 -12.21 -4.59 3.56
N SER F 31 -12.26 -3.54 4.37
CA SER F 31 -11.79 -2.20 3.99
C SER F 31 -12.59 -1.76 2.76
N SER F 32 -11.99 -0.93 1.91
CA SER F 32 -12.65 -0.43 0.71
C SER F 32 -12.26 -1.22 -0.53
N ALA F 33 -12.00 -2.52 -0.38
CA ALA F 33 -11.63 -3.37 -1.51
C ALA F 33 -12.85 -4.16 -1.95
N VAL F 34 -13.74 -3.50 -2.68
CA VAL F 34 -14.93 -4.12 -3.24
C VAL F 34 -15.13 -3.62 -4.66
N ALA F 35 -15.45 -4.53 -5.57
CA ALA F 35 -15.72 -4.21 -6.96
C ALA F 35 -17.11 -4.70 -7.34
N TRP F 36 -17.63 -4.16 -8.44
CA TRP F 36 -18.94 -4.51 -8.96
C TRP F 36 -18.84 -4.89 -10.43
N TYR F 37 -19.61 -5.88 -10.85
CA TYR F 37 -19.60 -6.35 -12.22
C TYR F 37 -21.01 -6.43 -12.76
N GLN F 38 -21.12 -6.37 -14.08
CA GLN F 38 -22.40 -6.49 -14.78
C GLN F 38 -22.28 -7.58 -15.83
N GLN F 39 -23.25 -8.49 -15.87
CA GLN F 39 -23.19 -9.64 -16.78
C GLN F 39 -24.54 -9.84 -17.44
N LYS F 40 -24.69 -9.35 -18.67
CA LYS F 40 -25.86 -9.68 -19.46
C LYS F 40 -25.84 -11.16 -19.80
N PRO F 41 -27.00 -11.79 -19.92
CA PRO F 41 -27.03 -13.26 -20.11
C PRO F 41 -26.33 -13.68 -21.39
N GLY F 42 -25.40 -14.62 -21.26
CA GLY F 42 -24.66 -15.16 -22.38
C GLY F 42 -23.31 -14.51 -22.63
N LYS F 43 -23.01 -13.40 -21.97
CA LYS F 43 -21.75 -12.69 -22.17
C LYS F 43 -20.90 -12.73 -20.91
N ALA F 44 -19.67 -12.23 -21.04
CA ALA F 44 -18.75 -12.19 -19.91
C ALA F 44 -19.01 -10.95 -19.06
N PRO F 45 -18.71 -11.02 -17.76
CA PRO F 45 -18.92 -9.85 -16.90
C PRO F 45 -18.05 -8.68 -17.30
N LYS F 46 -18.57 -7.47 -17.05
CA LYS F 46 -17.87 -6.23 -17.33
C LYS F 46 -17.69 -5.44 -16.04
N LEU F 47 -16.50 -4.89 -15.85
CA LEU F 47 -16.21 -4.13 -14.64
C LEU F 47 -17.00 -2.83 -14.62
N LEU F 48 -17.46 -2.44 -13.44
CA LEU F 48 -18.20 -1.20 -13.27
C LEU F 48 -17.52 -0.24 -12.31
N ILE F 49 -17.16 -0.68 -11.11
CA ILE F 49 -16.59 0.17 -10.08
C ILE F 49 -15.50 -0.61 -9.37
N TYR F 50 -14.24 -0.21 -9.53
CA TYR F 50 -13.14 -1.05 -9.08
C TYR F 50 -12.88 -0.89 -7.59
N SER F 51 -12.62 0.33 -7.13
CA SER F 51 -12.49 0.58 -5.70
C SER F 51 -13.89 0.63 -5.10
N ALA F 52 -14.00 1.14 -3.87
CA ALA F 52 -15.31 1.19 -3.23
C ALA F 52 -16.28 2.05 -4.02
N SER F 53 -15.83 3.21 -4.51
CA SER F 53 -16.72 4.13 -5.22
C SER F 53 -16.03 4.78 -6.41
N SER F 54 -15.03 4.14 -6.99
CA SER F 54 -14.27 4.70 -8.10
C SER F 54 -14.79 4.11 -9.40
N LEU F 55 -15.28 4.98 -10.29
CA LEU F 55 -15.86 4.52 -11.55
C LEU F 55 -14.77 4.06 -12.50
N TYR F 56 -15.06 2.98 -13.23
CA TYR F 56 -14.15 2.45 -14.22
C TYR F 56 -14.35 3.14 -15.56
N SER F 57 -13.27 3.25 -16.32
CA SER F 57 -13.30 3.97 -17.59
C SER F 57 -14.29 3.32 -18.56
N GLY F 58 -15.12 4.15 -19.18
CA GLY F 58 -16.12 3.70 -20.13
C GLY F 58 -17.49 3.52 -19.55
N VAL F 59 -17.60 3.37 -18.24
CA VAL F 59 -18.92 3.23 -17.61
C VAL F 59 -19.63 4.58 -17.62
N PRO F 60 -20.91 4.64 -17.96
CA PRO F 60 -21.63 5.93 -17.93
C PRO F 60 -21.65 6.53 -16.54
N SER F 61 -22.12 7.76 -16.46
CA SER F 61 -22.03 8.54 -15.23
C SER F 61 -23.12 8.19 -14.22
N ARG F 62 -24.15 7.42 -14.62
CA ARG F 62 -25.24 7.16 -13.68
C ARG F 62 -24.86 6.15 -12.62
N PHE F 63 -24.02 5.17 -12.94
CA PHE F 63 -23.58 4.21 -11.94
C PHE F 63 -22.75 4.93 -10.87
N SER F 64 -22.94 4.51 -9.63
CA SER F 64 -22.18 5.09 -8.53
C SER F 64 -22.10 4.08 -7.40
N GLY F 65 -21.13 4.29 -6.50
CA GLY F 65 -20.94 3.41 -5.38
C GLY F 65 -20.79 4.20 -4.09
N SER F 66 -20.87 3.48 -2.97
CA SER F 66 -20.77 4.09 -1.66
C SER F 66 -20.34 3.03 -0.66
N ARG F 67 -19.83 3.49 0.47
CA ARG F 67 -19.45 2.60 1.57
C ARG F 67 -19.84 3.24 2.89
N SER F 68 -20.39 2.42 3.79
CA SER F 68 -20.71 2.84 5.15
C SER F 68 -20.43 1.65 6.07
N GLY F 69 -19.22 1.60 6.60
CA GLY F 69 -18.81 0.48 7.43
C GLY F 69 -18.53 -0.75 6.60
N THR F 70 -19.43 -1.74 6.67
CA THR F 70 -19.36 -2.94 5.85
C THR F 70 -20.63 -3.11 5.02
N ASP F 71 -21.17 -2.00 4.51
CA ASP F 71 -22.41 -2.00 3.74
C ASP F 71 -22.16 -1.23 2.44
N PHE F 72 -21.67 -1.92 1.42
CA PHE F 72 -21.40 -1.33 0.13
C PHE F 72 -22.66 -1.33 -0.73
N THR F 73 -22.90 -0.23 -1.42
CA THR F 73 -24.12 -0.05 -2.20
C THR F 73 -23.78 0.44 -3.60
N LEU F 74 -24.42 -0.15 -4.60
CA LEU F 74 -24.33 0.30 -5.98
C LEU F 74 -25.67 0.88 -6.40
N THR F 75 -25.66 2.11 -6.90
CA THR F 75 -26.88 2.83 -7.23
C THR F 75 -26.86 3.21 -8.70
N ILE F 76 -28.01 3.04 -9.37
CA ILE F 76 -28.21 3.51 -10.73
C ILE F 76 -29.23 4.63 -10.68
N SER F 77 -28.84 5.83 -11.11
CA SER F 77 -29.71 6.98 -11.00
C SER F 77 -30.78 7.03 -12.09
N SER F 78 -30.66 6.21 -13.12
CA SER F 78 -31.67 6.15 -14.18
C SER F 78 -31.46 4.87 -14.97
N LEU F 79 -32.51 4.08 -15.12
CA LEU F 79 -32.42 2.78 -15.79
C LEU F 79 -32.85 2.98 -17.25
N GLN F 80 -31.87 3.22 -18.11
CA GLN F 80 -32.14 3.12 -19.52
C GLN F 80 -32.26 1.64 -19.90
N PRO F 81 -33.06 1.32 -20.93
CA PRO F 81 -33.42 -0.09 -21.15
C PRO F 81 -32.26 -1.02 -21.47
N GLU F 82 -31.03 -0.52 -21.46
CA GLU F 82 -29.85 -1.34 -21.71
C GLU F 82 -29.13 -1.74 -20.43
N ASP F 83 -29.75 -1.55 -19.26
CA ASP F 83 -29.13 -1.83 -17.98
C ASP F 83 -29.76 -2.99 -17.24
N PHE F 84 -30.59 -3.79 -17.91
CA PHE F 84 -31.27 -4.91 -17.28
C PHE F 84 -30.38 -6.15 -17.39
N ALA F 85 -29.65 -6.44 -16.32
CA ALA F 85 -28.71 -7.56 -16.30
C ALA F 85 -28.46 -7.97 -14.85
N THR F 86 -27.46 -8.80 -14.63
CA THR F 86 -27.14 -9.35 -13.32
C THR F 86 -25.85 -8.73 -12.78
N TYR F 87 -25.88 -8.36 -11.50
CA TYR F 87 -24.79 -7.63 -10.87
C TYR F 87 -24.22 -8.41 -9.70
N TYR F 88 -22.89 -8.46 -9.61
CA TYR F 88 -22.19 -9.19 -8.55
C TYR F 88 -21.24 -8.26 -7.82
N CYS F 89 -21.07 -8.50 -6.53
CA CYS F 89 -20.15 -7.74 -5.70
C CYS F 89 -19.00 -8.64 -5.29
N GLN F 90 -17.77 -8.18 -5.52
CA GLN F 90 -16.57 -8.96 -5.23
C GLN F 90 -15.66 -8.20 -4.29
N GLN F 91 -15.08 -8.92 -3.33
CA GLN F 91 -14.06 -8.38 -2.45
C GLN F 91 -12.72 -9.03 -2.78
N TYR F 92 -11.64 -8.24 -2.74
CA TYR F 92 -10.34 -8.75 -3.13
C TYR F 92 -9.26 -8.39 -2.12
N LYS F 93 -9.61 -8.34 -0.83
CA LYS F 93 -8.59 -8.05 0.18
C LYS F 93 -7.83 -9.31 0.58
N TYR F 94 -8.52 -10.42 0.77
CA TYR F 94 -7.91 -11.67 1.20
C TYR F 94 -7.89 -12.67 0.05
N VAL F 95 -6.96 -13.62 0.15
CA VAL F 95 -6.66 -14.51 -0.97
C VAL F 95 -7.83 -15.45 -1.32
N PRO F 96 -8.74 -15.81 -0.40
CA PRO F 96 -9.91 -16.53 -0.95
C PRO F 96 -10.97 -15.56 -1.46
N VAL F 97 -10.72 -15.04 -2.66
CA VAL F 97 -11.60 -14.01 -3.24
C VAL F 97 -12.99 -14.59 -3.45
N THR F 98 -14.01 -13.88 -2.96
CA THR F 98 -15.38 -14.36 -2.99
C THR F 98 -16.28 -13.34 -3.67
N PHE F 99 -17.19 -13.84 -4.50
CA PHE F 99 -18.13 -13.02 -5.24
C PHE F 99 -19.46 -12.94 -4.50
N GLY F 100 -20.29 -12.00 -4.92
CA GLY F 100 -21.63 -11.91 -4.38
C GLY F 100 -22.53 -13.00 -4.92
N GLN F 101 -23.67 -13.18 -4.24
CA GLN F 101 -24.60 -14.23 -4.64
C GLN F 101 -25.17 -13.96 -6.02
N GLY F 102 -25.51 -12.72 -6.32
CA GLY F 102 -26.04 -12.36 -7.62
C GLY F 102 -27.39 -11.68 -7.56
N THR F 103 -27.48 -10.49 -8.15
CA THR F 103 -28.71 -9.70 -8.16
C THR F 103 -29.16 -9.49 -9.60
N LYS F 104 -30.43 -9.80 -9.87
CA LYS F 104 -31.00 -9.67 -11.21
C LYS F 104 -31.98 -8.51 -11.24
N VAL F 105 -32.03 -7.83 -12.38
CA VAL F 105 -32.93 -6.69 -12.57
C VAL F 105 -33.88 -7.04 -13.71
N GLU F 106 -35.17 -7.00 -13.42
CA GLU F 106 -36.21 -7.30 -14.40
C GLU F 106 -36.83 -5.98 -14.88
N ILE F 107 -37.87 -6.07 -15.69
CA ILE F 107 -38.55 -4.89 -16.22
C ILE F 107 -40.06 -5.04 -16.09
#